data_218D
# 
_entry.id   218D 
# 
_audit_conform.dict_name       mmcif_pdbx.dic 
_audit_conform.dict_version    5.387 
_audit_conform.dict_location   http://mmcif.pdb.org/dictionaries/ascii/mmcif_pdbx.dic 
# 
loop_
_database_2.database_id 
_database_2.database_code 
_database_2.pdbx_database_accession 
_database_2.pdbx_DOI 
PDB   218D         pdb_0000218d 10.2210/pdb218d/pdb 
RCSB  BDLB58       ?            ?                   
WWPDB D_1000177583 ?            ?                   
# 
loop_
_pdbx_audit_revision_history.ordinal 
_pdbx_audit_revision_history.data_content_type 
_pdbx_audit_revision_history.major_revision 
_pdbx_audit_revision_history.minor_revision 
_pdbx_audit_revision_history.revision_date 
1 'Structure model' 1 0 1995-10-15 
2 'Structure model' 1 1 2008-05-22 
3 'Structure model' 1 2 2011-07-13 
4 'Structure model' 1 3 2018-04-18 
5 'Structure model' 1 4 2024-02-14 
# 
_pdbx_audit_revision_details.ordinal             1 
_pdbx_audit_revision_details.revision_ordinal    1 
_pdbx_audit_revision_details.data_content_type   'Structure model' 
_pdbx_audit_revision_details.provider            repository 
_pdbx_audit_revision_details.type                'Initial release' 
_pdbx_audit_revision_details.description         ? 
_pdbx_audit_revision_details.details             ? 
# 
loop_
_pdbx_audit_revision_group.ordinal 
_pdbx_audit_revision_group.revision_ordinal 
_pdbx_audit_revision_group.data_content_type 
_pdbx_audit_revision_group.group 
1 2 'Structure model' 'Version format compliance' 
2 3 'Structure model' 'Version format compliance' 
3 4 'Structure model' 'Data collection'           
4 5 'Structure model' 'Data collection'           
5 5 'Structure model' 'Database references'       
6 5 'Structure model' 'Derived calculations'      
# 
loop_
_pdbx_audit_revision_category.ordinal 
_pdbx_audit_revision_category.revision_ordinal 
_pdbx_audit_revision_category.data_content_type 
_pdbx_audit_revision_category.category 
1 4 'Structure model' diffrn_detector 
2 5 'Structure model' chem_comp_atom  
3 5 'Structure model' chem_comp_bond  
4 5 'Structure model' database_2      
5 5 'Structure model' struct_conn     
# 
loop_
_pdbx_audit_revision_item.ordinal 
_pdbx_audit_revision_item.revision_ordinal 
_pdbx_audit_revision_item.data_content_type 
_pdbx_audit_revision_item.item 
1 4 'Structure model' '_diffrn_detector.detector'           
2 5 'Structure model' '_database_2.pdbx_DOI'                
3 5 'Structure model' '_database_2.pdbx_database_accession' 
4 5 'Structure model' '_struct_conn.pdbx_leaving_atom_flag' 
# 
_pdbx_database_status.status_code                     REL 
_pdbx_database_status.entry_id                        218D 
_pdbx_database_status.recvd_initial_deposition_date   1995-07-18 
_pdbx_database_status.deposit_site                    BNL 
_pdbx_database_status.process_site                    NDB 
_pdbx_database_status.status_code_sf                  REL 
_pdbx_database_status.status_code_mr                  ? 
_pdbx_database_status.SG_entry                        ? 
_pdbx_database_status.pdb_format_compatible           Y 
_pdbx_database_status.status_code_cs                  ? 
_pdbx_database_status.methods_development_category    ? 
_pdbx_database_status.status_code_nmr_data            ? 
# 
loop_
_audit_author.name 
_audit_author.pdbx_ordinal 
'Vojtechovsky, J.' 1 
'Eaton, M.D.'      2 
'Gaffney, B.'      3 
'Jones, R.'        4 
'Berman, H.M.'     5 
# 
_citation.id                        primary 
_citation.title                     'Structure of a new crystal form of a DNA dodecamer containing T.(O6Me)G base pairs.' 
_citation.journal_abbrev            Biochemistry 
_citation.journal_volume            34 
_citation.page_first                16632 
_citation.page_last                 16640 
_citation.year                      1995 
_citation.journal_id_ASTM           BICHAW 
_citation.country                   US 
_citation.journal_id_ISSN           0006-2960 
_citation.journal_id_CSD            0033 
_citation.book_publisher            ? 
_citation.pdbx_database_id_PubMed   8527436 
_citation.pdbx_database_id_DOI      10.1021/bi00051a011 
# 
loop_
_citation_author.citation_id 
_citation_author.name 
_citation_author.ordinal 
_citation_author.identifier_ORCID 
primary 'Vojtechovsky, J.' 1 ? 
primary 'Eaton, M.D.'      2 ? 
primary 'Gaffney, B.'      3 ? 
primary 'Jones, R.'        4 ? 
primary 'Berman, H.M.'     5 ? 
# 
loop_
_entity.id 
_entity.type 
_entity.src_method 
_entity.pdbx_description 
_entity.formula_weight 
_entity.pdbx_number_of_molecules 
_entity.pdbx_ec 
_entity.pdbx_mutation 
_entity.pdbx_fragment 
_entity.details 
1 polymer syn 
;DNA (5'-D(*CP*GP*TP*GP*AP*AP*TP*TP*CP*(6OG)P*CP*G)-3')
;
3692.430 2  ? ? ? ? 
2 water   nat water                                                    18.015   74 ? ? ? ? 
# 
_entity_poly.entity_id                      1 
_entity_poly.type                           polydeoxyribonucleotide 
_entity_poly.nstd_linkage                   no 
_entity_poly.nstd_monomer                   yes 
_entity_poly.pdbx_seq_one_letter_code       '(DC)(DG)(DT)(DG)(DA)(DA)(DT)(DT)(DC)(6OG)(DC)(DG)' 
_entity_poly.pdbx_seq_one_letter_code_can   CGTGAATTCGCG 
_entity_poly.pdbx_strand_id                 A,B 
_entity_poly.pdbx_target_identifier         ? 
# 
_pdbx_entity_nonpoly.entity_id   2 
_pdbx_entity_nonpoly.name        water 
_pdbx_entity_nonpoly.comp_id     HOH 
# 
loop_
_entity_poly_seq.entity_id 
_entity_poly_seq.num 
_entity_poly_seq.mon_id 
_entity_poly_seq.hetero 
1 1  DC  n 
1 2  DG  n 
1 3  DT  n 
1 4  DG  n 
1 5  DA  n 
1 6  DA  n 
1 7  DT  n 
1 8  DT  n 
1 9  DC  n 
1 10 6OG n 
1 11 DC  n 
1 12 DG  n 
# 
loop_
_chem_comp.id 
_chem_comp.type 
_chem_comp.mon_nstd_flag 
_chem_comp.name 
_chem_comp.pdbx_synonyms 
_chem_comp.formula 
_chem_comp.formula_weight 
6OG 'DNA linking' n 
;6-O-METHYL GUANOSINE-5'-MONOPHOSPHATE
;
? 'C11 H16 N5 O7 P' 361.248 
DA  'DNA linking' y "2'-DEOXYADENOSINE-5'-MONOPHOSPHATE"    ? 'C10 H14 N5 O6 P' 331.222 
DC  'DNA linking' y "2'-DEOXYCYTIDINE-5'-MONOPHOSPHATE"     ? 'C9 H14 N3 O7 P'  307.197 
DG  'DNA linking' y "2'-DEOXYGUANOSINE-5'-MONOPHOSPHATE"    ? 'C10 H14 N5 O7 P' 347.221 
DT  'DNA linking' y "THYMIDINE-5'-MONOPHOSPHATE"            ? 'C10 H15 N2 O8 P' 322.208 
HOH non-polymer   . WATER                                   ? 'H2 O'            18.015  
# 
loop_
_pdbx_poly_seq_scheme.asym_id 
_pdbx_poly_seq_scheme.entity_id 
_pdbx_poly_seq_scheme.seq_id 
_pdbx_poly_seq_scheme.mon_id 
_pdbx_poly_seq_scheme.ndb_seq_num 
_pdbx_poly_seq_scheme.pdb_seq_num 
_pdbx_poly_seq_scheme.auth_seq_num 
_pdbx_poly_seq_scheme.pdb_mon_id 
_pdbx_poly_seq_scheme.auth_mon_id 
_pdbx_poly_seq_scheme.pdb_strand_id 
_pdbx_poly_seq_scheme.pdb_ins_code 
_pdbx_poly_seq_scheme.hetero 
A 1 1  DC  1  1  1  DC  C  A . n 
A 1 2  DG  2  2  2  DG  G  A . n 
A 1 3  DT  3  3  3  DT  T  A . n 
A 1 4  DG  4  4  4  DG  G  A . n 
A 1 5  DA  5  5  5  DA  A  A . n 
A 1 6  DA  6  6  6  DA  A  A . n 
A 1 7  DT  7  7  7  DT  T  A . n 
A 1 8  DT  8  8  8  DT  T  A . n 
A 1 9  DC  9  9  9  DC  C  A . n 
A 1 10 6OG 10 10 10 6OG +G A . n 
A 1 11 DC  11 11 11 DC  C  A . n 
A 1 12 DG  12 12 12 DG  G  A . n 
B 1 1  DC  1  13 13 DC  C  B . n 
B 1 2  DG  2  14 14 DG  G  B . n 
B 1 3  DT  3  15 15 DT  T  B . n 
B 1 4  DG  4  16 16 DG  G  B . n 
B 1 5  DA  5  17 17 DA  A  B . n 
B 1 6  DA  6  18 18 DA  A  B . n 
B 1 7  DT  7  19 19 DT  T  B . n 
B 1 8  DT  8  20 20 DT  T  B . n 
B 1 9  DC  9  21 21 DC  C  B . n 
B 1 10 6OG 10 22 22 6OG +G B . n 
B 1 11 DC  11 23 23 DC  C  B . n 
B 1 12 DG  12 24 24 DG  G  B . n 
# 
loop_
_pdbx_nonpoly_scheme.asym_id 
_pdbx_nonpoly_scheme.entity_id 
_pdbx_nonpoly_scheme.mon_id 
_pdbx_nonpoly_scheme.ndb_seq_num 
_pdbx_nonpoly_scheme.pdb_seq_num 
_pdbx_nonpoly_scheme.auth_seq_num 
_pdbx_nonpoly_scheme.pdb_mon_id 
_pdbx_nonpoly_scheme.auth_mon_id 
_pdbx_nonpoly_scheme.pdb_strand_id 
_pdbx_nonpoly_scheme.pdb_ins_code 
C 2 HOH 1  25 25 HOH HOH A . 
C 2 HOH 2  28 28 HOH HOH A . 
C 2 HOH 3  30 30 HOH HOH A . 
C 2 HOH 4  33 33 HOH HOH A . 
C 2 HOH 5  34 34 HOH HOH A . 
C 2 HOH 6  36 36 HOH HOH A . 
C 2 HOH 7  38 38 HOH HOH A . 
C 2 HOH 8  40 40 HOH HOH A . 
C 2 HOH 9  42 42 HOH HOH A . 
C 2 HOH 10 46 46 HOH HOH A . 
C 2 HOH 11 47 47 HOH HOH A . 
C 2 HOH 12 50 50 HOH HOH A . 
C 2 HOH 13 53 53 HOH HOH A . 
C 2 HOH 14 54 54 HOH HOH A . 
C 2 HOH 15 58 58 HOH HOH A . 
C 2 HOH 16 61 61 HOH HOH A . 
C 2 HOH 17 62 62 HOH HOH A . 
C 2 HOH 18 64 64 HOH HOH A . 
C 2 HOH 19 65 65 HOH HOH A . 
C 2 HOH 20 67 67 HOH HOH A . 
C 2 HOH 21 71 71 HOH HOH A . 
C 2 HOH 22 72 72 HOH HOH A . 
C 2 HOH 23 73 73 HOH HOH A . 
C 2 HOH 24 74 74 HOH HOH A . 
C 2 HOH 25 75 75 HOH HOH A . 
C 2 HOH 26 76 76 HOH HOH A . 
C 2 HOH 27 77 77 HOH HOH A . 
C 2 HOH 28 78 78 HOH HOH A . 
C 2 HOH 29 80 80 HOH HOH A . 
C 2 HOH 30 81 81 HOH HOH A . 
C 2 HOH 31 83 83 HOH HOH A . 
C 2 HOH 32 84 84 HOH HOH A . 
C 2 HOH 33 86 86 HOH HOH A . 
C 2 HOH 34 88 88 HOH HOH A . 
C 2 HOH 35 90 90 HOH HOH A . 
C 2 HOH 36 91 91 HOH HOH A . 
C 2 HOH 37 93 93 HOH HOH A . 
D 2 HOH 1  26 26 HOH HOH B . 
D 2 HOH 2  27 27 HOH HOH B . 
D 2 HOH 3  29 29 HOH HOH B . 
D 2 HOH 4  31 31 HOH HOH B . 
D 2 HOH 5  32 32 HOH HOH B . 
D 2 HOH 6  35 35 HOH HOH B . 
D 2 HOH 7  37 37 HOH HOH B . 
D 2 HOH 8  39 39 HOH HOH B . 
D 2 HOH 9  41 41 HOH HOH B . 
D 2 HOH 10 43 43 HOH HOH B . 
D 2 HOH 11 44 44 HOH HOH B . 
D 2 HOH 12 45 45 HOH HOH B . 
D 2 HOH 13 48 48 HOH HOH B . 
D 2 HOH 14 49 49 HOH HOH B . 
D 2 HOH 15 51 51 HOH HOH B . 
D 2 HOH 16 52 52 HOH HOH B . 
D 2 HOH 17 55 55 HOH HOH B . 
D 2 HOH 18 56 56 HOH HOH B . 
D 2 HOH 19 57 57 HOH HOH B . 
D 2 HOH 20 59 59 HOH HOH B . 
D 2 HOH 21 60 60 HOH HOH B . 
D 2 HOH 22 63 63 HOH HOH B . 
D 2 HOH 23 66 66 HOH HOH B . 
D 2 HOH 24 68 68 HOH HOH B . 
D 2 HOH 25 69 69 HOH HOH B . 
D 2 HOH 26 70 70 HOH HOH B . 
D 2 HOH 27 79 79 HOH HOH B . 
D 2 HOH 28 82 82 HOH HOH B . 
D 2 HOH 29 85 85 HOH HOH B . 
D 2 HOH 30 87 87 HOH HOH B . 
D 2 HOH 31 89 89 HOH HOH B . 
D 2 HOH 32 92 92 HOH HOH B . 
D 2 HOH 33 94 94 HOH HOH B . 
D 2 HOH 34 95 95 HOH HOH B . 
D 2 HOH 35 96 96 HOH HOH B . 
D 2 HOH 36 97 97 HOH HOH B . 
D 2 HOH 37 98 98 HOH HOH B . 
# 
_software.name             X-PLOR 
_software.classification   refinement 
_software.version          . 
_software.citation_id      ? 
_software.pdbx_ordinal     1 
# 
_cell.entry_id           218D 
_cell.length_a           22.120 
_cell.length_b           38.810 
_cell.length_c           64.480 
_cell.angle_alpha        90.00 
_cell.angle_beta         90.00 
_cell.angle_gamma        90.00 
_cell.Z_PDB              8 
_cell.pdbx_unique_axis   ? 
# 
_symmetry.entry_id                         218D 
_symmetry.space_group_name_H-M             'P 21 21 21' 
_symmetry.pdbx_full_space_group_name_H-M   ? 
_symmetry.cell_setting                     ? 
_symmetry.Int_Tables_number                19 
# 
_exptl.entry_id          218D 
_exptl.method            'X-RAY DIFFRACTION' 
_exptl.crystals_number   ? 
# 
_exptl_crystal.id                    1 
_exptl_crystal.density_meas          ? 
_exptl_crystal.density_Matthews      1.87 
_exptl_crystal.density_percent_sol   34.36 
_exptl_crystal.description           ? 
# 
_exptl_crystal_grow.crystal_id      1 
_exptl_crystal_grow.method          'VAPOR DIFFUSION, HANGING DROP' 
_exptl_crystal_grow.temp            296.00 
_exptl_crystal_grow.temp_details    ? 
_exptl_crystal_grow.pH              7.00 
_exptl_crystal_grow.pdbx_details    'pH 7.00, VAPOR DIFFUSION, HANGING DROP, temperature 296.00K' 
_exptl_crystal_grow.pdbx_pH_range   ? 
# 
loop_
_exptl_crystal_grow_comp.crystal_id 
_exptl_crystal_grow_comp.id 
_exptl_crystal_grow_comp.sol_id 
_exptl_crystal_grow_comp.name 
_exptl_crystal_grow_comp.volume 
_exptl_crystal_grow_comp.conc 
_exptl_crystal_grow_comp.details 
1 1 1 WATER           ? ? ? 
1 2 1 MPD             ? ? ? 
1 3 1 MGCL2           ? ? ? 
1 4 1 'NA CACODYLATE' ? ? ? 
1 5 2 WATER           ? ? ? 
1 6 2 MPD             ? ? ? 
# 
_diffrn.id                     1 
_diffrn.ambient_temp           ? 
_diffrn.ambient_temp_details   'ROOM TEMPERATURE' 
_diffrn.crystal_id             1 
# 
_diffrn_detector.diffrn_id              1 
_diffrn_detector.detector               DIFFRACTOMETER 
_diffrn_detector.type                   'ENRAF-NONIUS CAD4' 
_diffrn_detector.pdbx_collection_date   ? 
_diffrn_detector.details                ? 
# 
_diffrn_radiation.diffrn_id                        1 
_diffrn_radiation.wavelength_id                    1 
_diffrn_radiation.pdbx_monochromatic_or_laue_m_l   ? 
_diffrn_radiation.monochromator                    ? 
_diffrn_radiation.pdbx_diffrn_protocol             ? 
_diffrn_radiation.pdbx_scattering_type             x-ray 
# 
_diffrn_radiation_wavelength.id           1 
_diffrn_radiation_wavelength.wavelength   . 
_diffrn_radiation_wavelength.wt           1.0 
# 
_diffrn_source.diffrn_id                   1 
_diffrn_source.source                      'ROTATING ANODE' 
_diffrn_source.type                        'ENRAF-NONIUS FR571' 
_diffrn_source.pdbx_synchrotron_site       ? 
_diffrn_source.pdbx_synchrotron_beamline   ? 
_diffrn_source.pdbx_wavelength             ? 
_diffrn_source.pdbx_wavelength_list        ? 
# 
_reflns.entry_id                     218D 
_reflns.observed_criterion_sigma_I   ? 
_reflns.observed_criterion_sigma_F   2.000 
_reflns.d_resolution_low             ? 
_reflns.d_resolution_high            1.970 
_reflns.number_obs                   2387 
_reflns.number_all                   4218 
_reflns.percent_possible_obs         99.500 
_reflns.pdbx_Rmerge_I_obs            ? 
_reflns.pdbx_Rsym_value              ? 
_reflns.pdbx_netI_over_sigmaI        ? 
_reflns.B_iso_Wilson_estimate        ? 
_reflns.pdbx_redundancy              ? 
_reflns.pdbx_diffrn_id               1 
_reflns.pdbx_ordinal                 1 
# 
_refine.entry_id                                 218D 
_refine.ls_number_reflns_obs                     2040 
_refine.ls_number_reflns_all                     ? 
_refine.pdbx_ls_sigma_I                          ? 
_refine.pdbx_ls_sigma_F                          2.000 
_refine.pdbx_data_cutoff_high_absF               ? 
_refine.pdbx_data_cutoff_low_absF                ? 
_refine.pdbx_data_cutoff_high_rms_absF           ? 
_refine.ls_d_res_low                             10.000 
_refine.ls_d_res_high                            2.250 
_refine.ls_percent_reflns_obs                    ? 
_refine.ls_R_factor_obs                          0.167 
_refine.ls_R_factor_all                          ? 
_refine.ls_R_factor_R_work                       0.167 
_refine.ls_R_factor_R_free                       ? 
_refine.ls_R_factor_R_free_error                 ? 
_refine.ls_R_factor_R_free_error_details         ? 
_refine.ls_percent_reflns_R_free                 ? 
_refine.ls_number_reflns_R_free                  ? 
_refine.ls_number_parameters                     ? 
_refine.ls_number_restraints                     ? 
_refine.occupancy_min                            ? 
_refine.occupancy_max                            ? 
_refine.B_iso_mean                               ? 
_refine.aniso_B[1][1]                            ? 
_refine.aniso_B[2][2]                            ? 
_refine.aniso_B[3][3]                            ? 
_refine.aniso_B[1][2]                            ? 
_refine.aniso_B[1][3]                            ? 
_refine.aniso_B[2][3]                            ? 
_refine.solvent_model_details                    ? 
_refine.solvent_model_param_ksol                 ? 
_refine.solvent_model_param_bsol                 ? 
_refine.pdbx_ls_cross_valid_method               ? 
_refine.details                                  ? 
_refine.pdbx_starting_model                      ? 
_refine.pdbx_method_to_determine_struct          ? 
_refine.pdbx_isotropic_thermal_model             ? 
_refine.pdbx_stereochemistry_target_values       ? 
_refine.pdbx_stereochem_target_val_spec_case     ? 
_refine.pdbx_R_Free_selection_details            ? 
_refine.pdbx_overall_ESU_R                       ? 
_refine.pdbx_overall_ESU_R_Free                  ? 
_refine.overall_SU_ML                            ? 
_refine.overall_SU_B                             ? 
_refine.pdbx_refine_id                           'X-RAY DIFFRACTION' 
_refine.pdbx_diffrn_id                           1 
_refine.pdbx_TLS_residual_ADP_flag               ? 
_refine.correlation_coeff_Fo_to_Fc               ? 
_refine.correlation_coeff_Fo_to_Fc_free          ? 
_refine.pdbx_solvent_vdw_probe_radii             ? 
_refine.pdbx_solvent_ion_probe_radii             ? 
_refine.pdbx_solvent_shrinkage_radii             ? 
_refine.pdbx_overall_phase_error                 ? 
_refine.overall_SU_R_Cruickshank_DPI             ? 
_refine.pdbx_overall_SU_R_free_Cruickshank_DPI   ? 
_refine.pdbx_overall_SU_R_Blow_DPI               ? 
_refine.pdbx_overall_SU_R_free_Blow_DPI          ? 
# 
_refine_hist.pdbx_refine_id                   'X-RAY DIFFRACTION' 
_refine_hist.cycle_id                         LAST 
_refine_hist.pdbx_number_atoms_protein        0 
_refine_hist.pdbx_number_atoms_nucleic_acid   488 
_refine_hist.pdbx_number_atoms_ligand         2 
_refine_hist.number_atoms_solvent             74 
_refine_hist.number_atoms_total               564 
_refine_hist.d_res_high                       2.250 
_refine_hist.d_res_low                        10.000 
# 
loop_
_refine_ls_restr.type 
_refine_ls_restr.dev_ideal 
_refine_ls_restr.dev_ideal_target 
_refine_ls_restr.weight 
_refine_ls_restr.number 
_refine_ls_restr.pdbx_refine_id 
_refine_ls_restr.pdbx_restraint_function 
x_bond_d                0.014 ? ? ? 'X-RAY DIFFRACTION' ? 
x_bond_d_na             ?     ? ? ? 'X-RAY DIFFRACTION' ? 
x_bond_d_prot           ?     ? ? ? 'X-RAY DIFFRACTION' ? 
x_angle_d               ?     ? ? ? 'X-RAY DIFFRACTION' ? 
x_angle_d_na            ?     ? ? ? 'X-RAY DIFFRACTION' ? 
x_angle_d_prot          ?     ? ? ? 'X-RAY DIFFRACTION' ? 
x_angle_deg             1.81  ? ? ? 'X-RAY DIFFRACTION' ? 
x_angle_deg_na          ?     ? ? ? 'X-RAY DIFFRACTION' ? 
x_angle_deg_prot        ?     ? ? ? 'X-RAY DIFFRACTION' ? 
x_dihedral_angle_d      ?     ? ? ? 'X-RAY DIFFRACTION' ? 
x_dihedral_angle_d_na   ?     ? ? ? 'X-RAY DIFFRACTION' ? 
x_dihedral_angle_d_prot ?     ? ? ? 'X-RAY DIFFRACTION' ? 
x_improper_angle_d      ?     ? ? ? 'X-RAY DIFFRACTION' ? 
x_improper_angle_d_na   ?     ? ? ? 'X-RAY DIFFRACTION' ? 
x_improper_angle_d_prot ?     ? ? ? 'X-RAY DIFFRACTION' ? 
x_mcbond_it             ?     ? ? ? 'X-RAY DIFFRACTION' ? 
x_mcangle_it            ?     ? ? ? 'X-RAY DIFFRACTION' ? 
x_scbond_it             ?     ? ? ? 'X-RAY DIFFRACTION' ? 
x_scangle_it            ?     ? ? ? 'X-RAY DIFFRACTION' ? 
# 
_struct.entry_id                  218D 
_struct.title                     'THE STRUCTURE OF A NEW CRYSTAL FORM OF A DNA DODECAMER CONTAINING T.(O6ME)G BASE PAIRS' 
_struct.pdbx_model_details        ? 
_struct.pdbx_CASP_flag            ? 
_struct.pdbx_model_type_details   ? 
# 
_struct_keywords.entry_id        218D 
_struct_keywords.pdbx_keywords   DNA 
_struct_keywords.text            'B-DNA, DOUBLE HELIX, MODIFIED, MISMATCHED, DNA' 
# 
loop_
_struct_asym.id 
_struct_asym.pdbx_blank_PDB_chainid_flag 
_struct_asym.pdbx_modified 
_struct_asym.entity_id 
_struct_asym.details 
A N N 1 ? 
B N N 1 ? 
C N N 2 ? 
D N N 2 ? 
# 
_struct_ref.id                         1 
_struct_ref.entity_id                  1 
_struct_ref.db_name                    PDB 
_struct_ref.db_code                    218D 
_struct_ref.pdbx_db_accession          218D 
_struct_ref.pdbx_db_isoform            ? 
_struct_ref.pdbx_seq_one_letter_code   ? 
_struct_ref.pdbx_align_begin           ? 
# 
loop_
_struct_ref_seq.align_id 
_struct_ref_seq.ref_id 
_struct_ref_seq.pdbx_PDB_id_code 
_struct_ref_seq.pdbx_strand_id 
_struct_ref_seq.seq_align_beg 
_struct_ref_seq.pdbx_seq_align_beg_ins_code 
_struct_ref_seq.seq_align_end 
_struct_ref_seq.pdbx_seq_align_end_ins_code 
_struct_ref_seq.pdbx_db_accession 
_struct_ref_seq.db_align_beg 
_struct_ref_seq.pdbx_db_align_beg_ins_code 
_struct_ref_seq.db_align_end 
_struct_ref_seq.pdbx_db_align_end_ins_code 
_struct_ref_seq.pdbx_auth_seq_align_beg 
_struct_ref_seq.pdbx_auth_seq_align_end 
1 1 218D A 1 ? 12 ? 218D 1  ? 12 ? 1  12 
2 1 218D B 1 ? 12 ? 218D 13 ? 24 ? 13 24 
# 
_pdbx_struct_assembly.id                   1 
_pdbx_struct_assembly.details              author_defined_assembly 
_pdbx_struct_assembly.method_details       ? 
_pdbx_struct_assembly.oligomeric_details   dimeric 
_pdbx_struct_assembly.oligomeric_count     2 
# 
_pdbx_struct_assembly_gen.assembly_id       1 
_pdbx_struct_assembly_gen.oper_expression   1 
_pdbx_struct_assembly_gen.asym_id_list      A,B,C,D 
# 
_pdbx_struct_oper_list.id                   1 
_pdbx_struct_oper_list.type                 'identity operation' 
_pdbx_struct_oper_list.name                 1_555 
_pdbx_struct_oper_list.symmetry_operation   x,y,z 
_pdbx_struct_oper_list.matrix[1][1]         1.0000000000 
_pdbx_struct_oper_list.matrix[1][2]         0.0000000000 
_pdbx_struct_oper_list.matrix[1][3]         0.0000000000 
_pdbx_struct_oper_list.vector[1]            0.0000000000 
_pdbx_struct_oper_list.matrix[2][1]         0.0000000000 
_pdbx_struct_oper_list.matrix[2][2]         1.0000000000 
_pdbx_struct_oper_list.matrix[2][3]         0.0000000000 
_pdbx_struct_oper_list.vector[2]            0.0000000000 
_pdbx_struct_oper_list.matrix[3][1]         0.0000000000 
_pdbx_struct_oper_list.matrix[3][2]         0.0000000000 
_pdbx_struct_oper_list.matrix[3][3]         1.0000000000 
_pdbx_struct_oper_list.vector[3]            0.0000000000 
# 
_struct_biol.id   1 
# 
loop_
_struct_conn.id 
_struct_conn.conn_type_id 
_struct_conn.pdbx_leaving_atom_flag 
_struct_conn.pdbx_PDB_id 
_struct_conn.ptnr1_label_asym_id 
_struct_conn.ptnr1_label_comp_id 
_struct_conn.ptnr1_label_seq_id 
_struct_conn.ptnr1_label_atom_id 
_struct_conn.pdbx_ptnr1_label_alt_id 
_struct_conn.pdbx_ptnr1_PDB_ins_code 
_struct_conn.pdbx_ptnr1_standard_comp_id 
_struct_conn.ptnr1_symmetry 
_struct_conn.ptnr2_label_asym_id 
_struct_conn.ptnr2_label_comp_id 
_struct_conn.ptnr2_label_seq_id 
_struct_conn.ptnr2_label_atom_id 
_struct_conn.pdbx_ptnr2_label_alt_id 
_struct_conn.pdbx_ptnr2_PDB_ins_code 
_struct_conn.ptnr1_auth_asym_id 
_struct_conn.ptnr1_auth_comp_id 
_struct_conn.ptnr1_auth_seq_id 
_struct_conn.ptnr2_auth_asym_id 
_struct_conn.ptnr2_auth_comp_id 
_struct_conn.ptnr2_auth_seq_id 
_struct_conn.ptnr2_symmetry 
_struct_conn.pdbx_ptnr3_label_atom_id 
_struct_conn.pdbx_ptnr3_label_seq_id 
_struct_conn.pdbx_ptnr3_label_comp_id 
_struct_conn.pdbx_ptnr3_label_asym_id 
_struct_conn.pdbx_ptnr3_label_alt_id 
_struct_conn.pdbx_ptnr3_PDB_ins_code 
_struct_conn.details 
_struct_conn.pdbx_dist_value 
_struct_conn.pdbx_value_order 
_struct_conn.pdbx_role 
covale1  covale both ? A DC  9  "O3'" ? ? ? 1_555 A 6OG 10 P  ? ? A DC  9  A 6OG 10 1_555 ? ? ? ? ? ? ?                1.616 ? ? 
covale2  covale one  ? A 6OG 10 "O3'" ? ? ? 1_555 A DC  11 P  ? ? A 6OG 10 A DC  11 1_555 ? ? ? ? ? ? ?                1.599 ? ? 
covale3  covale both ? B DC  9  "O3'" ? ? ? 1_555 B 6OG 10 P  ? ? B DC  21 B 6OG 22 1_555 ? ? ? ? ? ? ?                1.612 ? ? 
covale4  covale one  ? B 6OG 10 "O3'" ? ? ? 1_555 B DC  11 P  ? ? B 6OG 22 B DC  23 1_555 ? ? ? ? ? ? ?                1.624 ? ? 
hydrog1  hydrog ?    ? A DC  1  N3    ? ? ? 1_555 B DG  12 N1 ? ? A DC  1  B DG  24 1_555 ? ? ? ? ? ? WATSON-CRICK     ?     ? ? 
hydrog2  hydrog ?    ? A DC  1  N4    ? ? ? 1_555 B DG  12 O6 ? ? A DC  1  B DG  24 1_555 ? ? ? ? ? ? WATSON-CRICK     ?     ? ? 
hydrog3  hydrog ?    ? A DC  1  O2    ? ? ? 1_555 B DG  12 N2 ? ? A DC  1  B DG  24 1_555 ? ? ? ? ? ? WATSON-CRICK     ?     ? ? 
hydrog4  hydrog ?    ? A DG  2  N1    ? ? ? 1_555 B DC  11 N3 ? ? A DG  2  B DC  23 1_555 ? ? ? ? ? ? WATSON-CRICK     ?     ? ? 
hydrog5  hydrog ?    ? A DG  2  N2    ? ? ? 1_555 B DC  11 O2 ? ? A DG  2  B DC  23 1_555 ? ? ? ? ? ? WATSON-CRICK     ?     ? ? 
hydrog6  hydrog ?    ? A DG  2  O6    ? ? ? 1_555 B DC  11 N4 ? ? A DG  2  B DC  23 1_555 ? ? ? ? ? ? WATSON-CRICK     ?     ? ? 
hydrog7  hydrog ?    ? A DT  3  O2    ? ? ? 1_555 B 6OG 10 N2 ? ? A DT  3  B 6OG 22 1_555 ? ? ? ? ? ? 'DT-6OG MISPAIR' ?     ? ? 
hydrog8  hydrog ?    ? A DG  4  N1    ? ? ? 1_555 B DC  9  N3 ? ? A DG  4  B DC  21 1_555 ? ? ? ? ? ? WATSON-CRICK     ?     ? ? 
hydrog9  hydrog ?    ? A DG  4  N2    ? ? ? 1_555 B DC  9  O2 ? ? A DG  4  B DC  21 1_555 ? ? ? ? ? ? WATSON-CRICK     ?     ? ? 
hydrog10 hydrog ?    ? A DG  4  O6    ? ? ? 1_555 B DC  9  N4 ? ? A DG  4  B DC  21 1_555 ? ? ? ? ? ? WATSON-CRICK     ?     ? ? 
hydrog11 hydrog ?    ? A DA  5  N1    ? ? ? 1_555 B DT  8  N3 ? ? A DA  5  B DT  20 1_555 ? ? ? ? ? ? WATSON-CRICK     ?     ? ? 
hydrog12 hydrog ?    ? A DA  5  N6    ? ? ? 1_555 B DT  8  O4 ? ? A DA  5  B DT  20 1_555 ? ? ? ? ? ? WATSON-CRICK     ?     ? ? 
hydrog13 hydrog ?    ? A DA  6  N1    ? ? ? 1_555 B DT  7  N3 ? ? A DA  6  B DT  19 1_555 ? ? ? ? ? ? WATSON-CRICK     ?     ? ? 
hydrog14 hydrog ?    ? A DA  6  N6    ? ? ? 1_555 B DT  7  O4 ? ? A DA  6  B DT  19 1_555 ? ? ? ? ? ? WATSON-CRICK     ?     ? ? 
hydrog15 hydrog ?    ? A DT  7  N3    ? ? ? 1_555 B DA  6  N1 ? ? A DT  7  B DA  18 1_555 ? ? ? ? ? ? WATSON-CRICK     ?     ? ? 
hydrog16 hydrog ?    ? A DT  7  O4    ? ? ? 1_555 B DA  6  N6 ? ? A DT  7  B DA  18 1_555 ? ? ? ? ? ? WATSON-CRICK     ?     ? ? 
hydrog17 hydrog ?    ? A DT  8  N3    ? ? ? 1_555 B DA  5  N1 ? ? A DT  8  B DA  17 1_555 ? ? ? ? ? ? WATSON-CRICK     ?     ? ? 
hydrog18 hydrog ?    ? A DT  8  O4    ? ? ? 1_555 B DA  5  N6 ? ? A DT  8  B DA  17 1_555 ? ? ? ? ? ? WATSON-CRICK     ?     ? ? 
hydrog19 hydrog ?    ? A DC  9  N3    ? ? ? 1_555 B DG  4  N1 ? ? A DC  9  B DG  16 1_555 ? ? ? ? ? ? WATSON-CRICK     ?     ? ? 
hydrog20 hydrog ?    ? A DC  9  N4    ? ? ? 1_555 B DG  4  O6 ? ? A DC  9  B DG  16 1_555 ? ? ? ? ? ? WATSON-CRICK     ?     ? ? 
hydrog21 hydrog ?    ? A DC  9  O2    ? ? ? 1_555 B DG  4  N2 ? ? A DC  9  B DG  16 1_555 ? ? ? ? ? ? WATSON-CRICK     ?     ? ? 
hydrog22 hydrog ?    ? A 6OG 10 N2    ? ? ? 1_555 B DT  3  O2 ? ? A 6OG 10 B DT  15 1_555 ? ? ? ? ? ? '6OG-DT MISPAIR' ?     ? ? 
hydrog23 hydrog ?    ? A DC  11 N3    ? ? ? 1_555 B DG  2  N1 ? ? A DC  11 B DG  14 1_555 ? ? ? ? ? ? WATSON-CRICK     ?     ? ? 
hydrog24 hydrog ?    ? A DC  11 N4    ? ? ? 1_555 B DG  2  O6 ? ? A DC  11 B DG  14 1_555 ? ? ? ? ? ? WATSON-CRICK     ?     ? ? 
hydrog25 hydrog ?    ? A DC  11 O2    ? ? ? 1_555 B DG  2  N2 ? ? A DC  11 B DG  14 1_555 ? ? ? ? ? ? WATSON-CRICK     ?     ? ? 
hydrog26 hydrog ?    ? A DG  12 N1    ? ? ? 1_555 B DC  1  N3 ? ? A DG  12 B DC  13 1_555 ? ? ? ? ? ? WATSON-CRICK     ?     ? ? 
hydrog27 hydrog ?    ? A DG  12 N2    ? ? ? 1_555 B DC  1  O2 ? ? A DG  12 B DC  13 1_555 ? ? ? ? ? ? WATSON-CRICK     ?     ? ? 
hydrog28 hydrog ?    ? A DG  12 O6    ? ? ? 1_555 B DC  1  N4 ? ? A DG  12 B DC  13 1_555 ? ? ? ? ? ? WATSON-CRICK     ?     ? ? 
# 
loop_
_struct_conn_type.id 
_struct_conn_type.criteria 
_struct_conn_type.reference 
covale ? ? 
hydrog ? ? 
# 
_pdbx_validate_symm_contact.id                1 
_pdbx_validate_symm_contact.PDB_model_num     1 
_pdbx_validate_symm_contact.auth_atom_id_1    O 
_pdbx_validate_symm_contact.auth_asym_id_1    B 
_pdbx_validate_symm_contact.auth_comp_id_1    HOH 
_pdbx_validate_symm_contact.auth_seq_id_1     31 
_pdbx_validate_symm_contact.PDB_ins_code_1    ? 
_pdbx_validate_symm_contact.label_alt_id_1    ? 
_pdbx_validate_symm_contact.site_symmetry_1   1_555 
_pdbx_validate_symm_contact.auth_atom_id_2    O 
_pdbx_validate_symm_contact.auth_asym_id_2    B 
_pdbx_validate_symm_contact.auth_comp_id_2    HOH 
_pdbx_validate_symm_contact.auth_seq_id_2     59 
_pdbx_validate_symm_contact.PDB_ins_code_2    ? 
_pdbx_validate_symm_contact.label_alt_id_2    ? 
_pdbx_validate_symm_contact.site_symmetry_2   2_665 
_pdbx_validate_symm_contact.dist              1.31 
# 
loop_
_pdbx_validate_rmsd_angle.id 
_pdbx_validate_rmsd_angle.PDB_model_num 
_pdbx_validate_rmsd_angle.auth_atom_id_1 
_pdbx_validate_rmsd_angle.auth_asym_id_1 
_pdbx_validate_rmsd_angle.auth_comp_id_1 
_pdbx_validate_rmsd_angle.auth_seq_id_1 
_pdbx_validate_rmsd_angle.PDB_ins_code_1 
_pdbx_validate_rmsd_angle.label_alt_id_1 
_pdbx_validate_rmsd_angle.auth_atom_id_2 
_pdbx_validate_rmsd_angle.auth_asym_id_2 
_pdbx_validate_rmsd_angle.auth_comp_id_2 
_pdbx_validate_rmsd_angle.auth_seq_id_2 
_pdbx_validate_rmsd_angle.PDB_ins_code_2 
_pdbx_validate_rmsd_angle.label_alt_id_2 
_pdbx_validate_rmsd_angle.auth_atom_id_3 
_pdbx_validate_rmsd_angle.auth_asym_id_3 
_pdbx_validate_rmsd_angle.auth_comp_id_3 
_pdbx_validate_rmsd_angle.auth_seq_id_3 
_pdbx_validate_rmsd_angle.PDB_ins_code_3 
_pdbx_validate_rmsd_angle.label_alt_id_3 
_pdbx_validate_rmsd_angle.angle_value 
_pdbx_validate_rmsd_angle.angle_target_value 
_pdbx_validate_rmsd_angle.angle_deviation 
_pdbx_validate_rmsd_angle.angle_standard_deviation 
_pdbx_validate_rmsd_angle.linker_flag 
1 1 "O4'" A DG 2  ? ? "C4'" A DG 2  ? ? "C3'" A DG 2  ? ? 100.95 104.50 -3.55 0.40 N 
2 1 N9    A DG 2  ? ? "C1'" A DG 2  ? ? "C2'" A DG 2  ? ? 123.43 114.30 9.13  1.40 N 
3 1 "O4'" A DG 2  ? ? "C1'" A DG 2  ? ? N9    A DG 2  ? ? 110.14 108.30 1.84  0.30 N 
4 1 "C1'" B DT 19 ? ? "O4'" B DT 19 ? ? "C4'" B DT 19 ? ? 103.34 110.10 -6.76 1.00 N 
# 
loop_
_pdbx_validate_planes.id 
_pdbx_validate_planes.PDB_model_num 
_pdbx_validate_planes.auth_comp_id 
_pdbx_validate_planes.auth_asym_id 
_pdbx_validate_planes.auth_seq_id 
_pdbx_validate_planes.PDB_ins_code 
_pdbx_validate_planes.label_alt_id 
_pdbx_validate_planes.rmsd 
_pdbx_validate_planes.type 
1 1 DC A 9  ? ? 0.069 'SIDE CHAIN' 
2 1 DT B 19 ? ? 0.064 'SIDE CHAIN' 
# 
loop_
_pdbx_struct_mod_residue.id 
_pdbx_struct_mod_residue.label_asym_id 
_pdbx_struct_mod_residue.label_comp_id 
_pdbx_struct_mod_residue.label_seq_id 
_pdbx_struct_mod_residue.auth_asym_id 
_pdbx_struct_mod_residue.auth_comp_id 
_pdbx_struct_mod_residue.auth_seq_id 
_pdbx_struct_mod_residue.PDB_ins_code 
_pdbx_struct_mod_residue.parent_comp_id 
_pdbx_struct_mod_residue.details 
1 A 6OG 10 A 6OG 10 ? DG 
;6-O-METHYL GUANOSINE-5'-MONOPHOSPHATE
;
2 B 6OG 10 B 6OG 22 ? DG 
;6-O-METHYL GUANOSINE-5'-MONOPHOSPHATE
;
# 
loop_
_refine_B_iso.class 
_refine_B_iso.details 
_refine_B_iso.treatment 
_refine_B_iso.pdbx_refine_id 
'ALL ATOMS'  TR isotropic 'X-RAY DIFFRACTION' 
'ALL WATERS' TR isotropic 'X-RAY DIFFRACTION' 
# 
loop_
_refine_occupancy.class 
_refine_occupancy.treatment 
_refine_occupancy.pdbx_refine_id 
'ALL ATOMS'  fix 'X-RAY DIFFRACTION' 
'ALL WATERS' fix 'X-RAY DIFFRACTION' 
# 
loop_
_chem_comp_atom.comp_id 
_chem_comp_atom.atom_id 
_chem_comp_atom.type_symbol 
_chem_comp_atom.pdbx_aromatic_flag 
_chem_comp_atom.pdbx_stereo_config 
_chem_comp_atom.pdbx_ordinal 
6OG P      P N N 1   
6OG OP1    O N N 2   
6OG OP2    O N N 3   
6OG "O5'"  O N N 4   
6OG N9     N Y N 5   
6OG C4     C Y N 6   
6OG N3     N Y N 7   
6OG C2     C Y N 8   
6OG N2     N N N 9   
6OG N1     N Y N 10  
6OG C6     C Y N 11  
6OG O6     O N N 12  
6OG C5     C Y N 13  
6OG N7     N Y N 14  
6OG C8     C Y N 15  
6OG "C2'"  C N N 16  
6OG "C5'"  C N N 17  
6OG "C4'"  C N R 18  
6OG "O4'"  O N N 19  
6OG "C1'"  C N R 20  
6OG "C3'"  C N S 21  
6OG "O3'"  O N N 22  
6OG C      C N N 23  
6OG HOP2   H N N 24  
6OG HN21   H N N 25  
6OG HN22   H N N 26  
6OG H8     H N N 27  
6OG "H2'"  H N N 28  
6OG "H2''" H N N 29  
6OG "H5'"  H N N 30  
6OG "H5''" H N N 31  
6OG "H4'"  H N N 32  
6OG "H1'"  H N N 33  
6OG "H3'"  H N N 34  
6OG "HO3'" H N N 35  
6OG H1     H N N 36  
6OG H2     H N N 37  
6OG H3     H N N 38  
6OG OP3    O N N 39  
6OG HOP3   H N N 40  
DA  OP3    O N N 41  
DA  P      P N N 42  
DA  OP1    O N N 43  
DA  OP2    O N N 44  
DA  "O5'"  O N N 45  
DA  "C5'"  C N N 46  
DA  "C4'"  C N R 47  
DA  "O4'"  O N N 48  
DA  "C3'"  C N S 49  
DA  "O3'"  O N N 50  
DA  "C2'"  C N N 51  
DA  "C1'"  C N R 52  
DA  N9     N Y N 53  
DA  C8     C Y N 54  
DA  N7     N Y N 55  
DA  C5     C Y N 56  
DA  C6     C Y N 57  
DA  N6     N N N 58  
DA  N1     N Y N 59  
DA  C2     C Y N 60  
DA  N3     N Y N 61  
DA  C4     C Y N 62  
DA  HOP3   H N N 63  
DA  HOP2   H N N 64  
DA  "H5'"  H N N 65  
DA  "H5''" H N N 66  
DA  "H4'"  H N N 67  
DA  "H3'"  H N N 68  
DA  "HO3'" H N N 69  
DA  "H2'"  H N N 70  
DA  "H2''" H N N 71  
DA  "H1'"  H N N 72  
DA  H8     H N N 73  
DA  H61    H N N 74  
DA  H62    H N N 75  
DA  H2     H N N 76  
DC  OP3    O N N 77  
DC  P      P N N 78  
DC  OP1    O N N 79  
DC  OP2    O N N 80  
DC  "O5'"  O N N 81  
DC  "C5'"  C N N 82  
DC  "C4'"  C N R 83  
DC  "O4'"  O N N 84  
DC  "C3'"  C N S 85  
DC  "O3'"  O N N 86  
DC  "C2'"  C N N 87  
DC  "C1'"  C N R 88  
DC  N1     N N N 89  
DC  C2     C N N 90  
DC  O2     O N N 91  
DC  N3     N N N 92  
DC  C4     C N N 93  
DC  N4     N N N 94  
DC  C5     C N N 95  
DC  C6     C N N 96  
DC  HOP3   H N N 97  
DC  HOP2   H N N 98  
DC  "H5'"  H N N 99  
DC  "H5''" H N N 100 
DC  "H4'"  H N N 101 
DC  "H3'"  H N N 102 
DC  "HO3'" H N N 103 
DC  "H2'"  H N N 104 
DC  "H2''" H N N 105 
DC  "H1'"  H N N 106 
DC  H41    H N N 107 
DC  H42    H N N 108 
DC  H5     H N N 109 
DC  H6     H N N 110 
DG  OP3    O N N 111 
DG  P      P N N 112 
DG  OP1    O N N 113 
DG  OP2    O N N 114 
DG  "O5'"  O N N 115 
DG  "C5'"  C N N 116 
DG  "C4'"  C N R 117 
DG  "O4'"  O N N 118 
DG  "C3'"  C N S 119 
DG  "O3'"  O N N 120 
DG  "C2'"  C N N 121 
DG  "C1'"  C N R 122 
DG  N9     N Y N 123 
DG  C8     C Y N 124 
DG  N7     N Y N 125 
DG  C5     C Y N 126 
DG  C6     C N N 127 
DG  O6     O N N 128 
DG  N1     N N N 129 
DG  C2     C N N 130 
DG  N2     N N N 131 
DG  N3     N N N 132 
DG  C4     C Y N 133 
DG  HOP3   H N N 134 
DG  HOP2   H N N 135 
DG  "H5'"  H N N 136 
DG  "H5''" H N N 137 
DG  "H4'"  H N N 138 
DG  "H3'"  H N N 139 
DG  "HO3'" H N N 140 
DG  "H2'"  H N N 141 
DG  "H2''" H N N 142 
DG  "H1'"  H N N 143 
DG  H8     H N N 144 
DG  H1     H N N 145 
DG  H21    H N N 146 
DG  H22    H N N 147 
DT  OP3    O N N 148 
DT  P      P N N 149 
DT  OP1    O N N 150 
DT  OP2    O N N 151 
DT  "O5'"  O N N 152 
DT  "C5'"  C N N 153 
DT  "C4'"  C N R 154 
DT  "O4'"  O N N 155 
DT  "C3'"  C N S 156 
DT  "O3'"  O N N 157 
DT  "C2'"  C N N 158 
DT  "C1'"  C N R 159 
DT  N1     N N N 160 
DT  C2     C N N 161 
DT  O2     O N N 162 
DT  N3     N N N 163 
DT  C4     C N N 164 
DT  O4     O N N 165 
DT  C5     C N N 166 
DT  C7     C N N 167 
DT  C6     C N N 168 
DT  HOP3   H N N 169 
DT  HOP2   H N N 170 
DT  "H5'"  H N N 171 
DT  "H5''" H N N 172 
DT  "H4'"  H N N 173 
DT  "H3'"  H N N 174 
DT  "HO3'" H N N 175 
DT  "H2'"  H N N 176 
DT  "H2''" H N N 177 
DT  "H1'"  H N N 178 
DT  H3     H N N 179 
DT  H71    H N N 180 
DT  H72    H N N 181 
DT  H73    H N N 182 
DT  H6     H N N 183 
HOH O      O N N 184 
HOH H1     H N N 185 
HOH H2     H N N 186 
# 
loop_
_chem_comp_bond.comp_id 
_chem_comp_bond.atom_id_1 
_chem_comp_bond.atom_id_2 
_chem_comp_bond.value_order 
_chem_comp_bond.pdbx_aromatic_flag 
_chem_comp_bond.pdbx_stereo_config 
_chem_comp_bond.pdbx_ordinal 
6OG P     OP1    doub N N 1   
6OG P     OP2    sing N N 2   
6OG P     "O5'"  sing N N 3   
6OG OP2   HOP2   sing N N 4   
6OG "O5'" "C5'"  sing N N 5   
6OG N9    C4     sing Y N 6   
6OG N9    C8     sing Y N 7   
6OG N9    "C1'"  sing N N 8   
6OG C4    N3     sing Y N 9   
6OG C4    C5     doub Y N 10  
6OG N3    C2     doub Y N 11  
6OG C2    N2     sing N N 12  
6OG C2    N1     sing Y N 13  
6OG N2    HN21   sing N N 14  
6OG N2    HN22   sing N N 15  
6OG N1    C6     doub Y N 16  
6OG C6    O6     sing N N 17  
6OG C6    C5     sing Y N 18  
6OG O6    C      sing N N 19  
6OG C5    N7     sing Y N 20  
6OG N7    C8     doub Y N 21  
6OG C8    H8     sing N N 22  
6OG "C2'" "C1'"  sing N N 23  
6OG "C2'" "C3'"  sing N N 24  
6OG "C2'" "H2'"  sing N N 25  
6OG "C2'" "H2''" sing N N 26  
6OG "C5'" "C4'"  sing N N 27  
6OG "C5'" "H5'"  sing N N 28  
6OG "C5'" "H5''" sing N N 29  
6OG "C4'" "O4'"  sing N N 30  
6OG "C4'" "C3'"  sing N N 31  
6OG "C4'" "H4'"  sing N N 32  
6OG "O4'" "C1'"  sing N N 33  
6OG "C1'" "H1'"  sing N N 34  
6OG "C3'" "O3'"  sing N N 35  
6OG "C3'" "H3'"  sing N N 36  
6OG "O3'" "HO3'" sing N N 37  
6OG C     H1     sing N N 38  
6OG C     H2     sing N N 39  
6OG C     H3     sing N N 40  
6OG P     OP3    sing N N 41  
6OG OP3   HOP3   sing N N 42  
DA  OP3   P      sing N N 43  
DA  OP3   HOP3   sing N N 44  
DA  P     OP1    doub N N 45  
DA  P     OP2    sing N N 46  
DA  P     "O5'"  sing N N 47  
DA  OP2   HOP2   sing N N 48  
DA  "O5'" "C5'"  sing N N 49  
DA  "C5'" "C4'"  sing N N 50  
DA  "C5'" "H5'"  sing N N 51  
DA  "C5'" "H5''" sing N N 52  
DA  "C4'" "O4'"  sing N N 53  
DA  "C4'" "C3'"  sing N N 54  
DA  "C4'" "H4'"  sing N N 55  
DA  "O4'" "C1'"  sing N N 56  
DA  "C3'" "O3'"  sing N N 57  
DA  "C3'" "C2'"  sing N N 58  
DA  "C3'" "H3'"  sing N N 59  
DA  "O3'" "HO3'" sing N N 60  
DA  "C2'" "C1'"  sing N N 61  
DA  "C2'" "H2'"  sing N N 62  
DA  "C2'" "H2''" sing N N 63  
DA  "C1'" N9     sing N N 64  
DA  "C1'" "H1'"  sing N N 65  
DA  N9    C8     sing Y N 66  
DA  N9    C4     sing Y N 67  
DA  C8    N7     doub Y N 68  
DA  C8    H8     sing N N 69  
DA  N7    C5     sing Y N 70  
DA  C5    C6     sing Y N 71  
DA  C5    C4     doub Y N 72  
DA  C6    N6     sing N N 73  
DA  C6    N1     doub Y N 74  
DA  N6    H61    sing N N 75  
DA  N6    H62    sing N N 76  
DA  N1    C2     sing Y N 77  
DA  C2    N3     doub Y N 78  
DA  C2    H2     sing N N 79  
DA  N3    C4     sing Y N 80  
DC  OP3   P      sing N N 81  
DC  OP3   HOP3   sing N N 82  
DC  P     OP1    doub N N 83  
DC  P     OP2    sing N N 84  
DC  P     "O5'"  sing N N 85  
DC  OP2   HOP2   sing N N 86  
DC  "O5'" "C5'"  sing N N 87  
DC  "C5'" "C4'"  sing N N 88  
DC  "C5'" "H5'"  sing N N 89  
DC  "C5'" "H5''" sing N N 90  
DC  "C4'" "O4'"  sing N N 91  
DC  "C4'" "C3'"  sing N N 92  
DC  "C4'" "H4'"  sing N N 93  
DC  "O4'" "C1'"  sing N N 94  
DC  "C3'" "O3'"  sing N N 95  
DC  "C3'" "C2'"  sing N N 96  
DC  "C3'" "H3'"  sing N N 97  
DC  "O3'" "HO3'" sing N N 98  
DC  "C2'" "C1'"  sing N N 99  
DC  "C2'" "H2'"  sing N N 100 
DC  "C2'" "H2''" sing N N 101 
DC  "C1'" N1     sing N N 102 
DC  "C1'" "H1'"  sing N N 103 
DC  N1    C2     sing N N 104 
DC  N1    C6     sing N N 105 
DC  C2    O2     doub N N 106 
DC  C2    N3     sing N N 107 
DC  N3    C4     doub N N 108 
DC  C4    N4     sing N N 109 
DC  C4    C5     sing N N 110 
DC  N4    H41    sing N N 111 
DC  N4    H42    sing N N 112 
DC  C5    C6     doub N N 113 
DC  C5    H5     sing N N 114 
DC  C6    H6     sing N N 115 
DG  OP3   P      sing N N 116 
DG  OP3   HOP3   sing N N 117 
DG  P     OP1    doub N N 118 
DG  P     OP2    sing N N 119 
DG  P     "O5'"  sing N N 120 
DG  OP2   HOP2   sing N N 121 
DG  "O5'" "C5'"  sing N N 122 
DG  "C5'" "C4'"  sing N N 123 
DG  "C5'" "H5'"  sing N N 124 
DG  "C5'" "H5''" sing N N 125 
DG  "C4'" "O4'"  sing N N 126 
DG  "C4'" "C3'"  sing N N 127 
DG  "C4'" "H4'"  sing N N 128 
DG  "O4'" "C1'"  sing N N 129 
DG  "C3'" "O3'"  sing N N 130 
DG  "C3'" "C2'"  sing N N 131 
DG  "C3'" "H3'"  sing N N 132 
DG  "O3'" "HO3'" sing N N 133 
DG  "C2'" "C1'"  sing N N 134 
DG  "C2'" "H2'"  sing N N 135 
DG  "C2'" "H2''" sing N N 136 
DG  "C1'" N9     sing N N 137 
DG  "C1'" "H1'"  sing N N 138 
DG  N9    C8     sing Y N 139 
DG  N9    C4     sing Y N 140 
DG  C8    N7     doub Y N 141 
DG  C8    H8     sing N N 142 
DG  N7    C5     sing Y N 143 
DG  C5    C6     sing N N 144 
DG  C5    C4     doub Y N 145 
DG  C6    O6     doub N N 146 
DG  C6    N1     sing N N 147 
DG  N1    C2     sing N N 148 
DG  N1    H1     sing N N 149 
DG  C2    N2     sing N N 150 
DG  C2    N3     doub N N 151 
DG  N2    H21    sing N N 152 
DG  N2    H22    sing N N 153 
DG  N3    C4     sing N N 154 
DT  OP3   P      sing N N 155 
DT  OP3   HOP3   sing N N 156 
DT  P     OP1    doub N N 157 
DT  P     OP2    sing N N 158 
DT  P     "O5'"  sing N N 159 
DT  OP2   HOP2   sing N N 160 
DT  "O5'" "C5'"  sing N N 161 
DT  "C5'" "C4'"  sing N N 162 
DT  "C5'" "H5'"  sing N N 163 
DT  "C5'" "H5''" sing N N 164 
DT  "C4'" "O4'"  sing N N 165 
DT  "C4'" "C3'"  sing N N 166 
DT  "C4'" "H4'"  sing N N 167 
DT  "O4'" "C1'"  sing N N 168 
DT  "C3'" "O3'"  sing N N 169 
DT  "C3'" "C2'"  sing N N 170 
DT  "C3'" "H3'"  sing N N 171 
DT  "O3'" "HO3'" sing N N 172 
DT  "C2'" "C1'"  sing N N 173 
DT  "C2'" "H2'"  sing N N 174 
DT  "C2'" "H2''" sing N N 175 
DT  "C1'" N1     sing N N 176 
DT  "C1'" "H1'"  sing N N 177 
DT  N1    C2     sing N N 178 
DT  N1    C6     sing N N 179 
DT  C2    O2     doub N N 180 
DT  C2    N3     sing N N 181 
DT  N3    C4     sing N N 182 
DT  N3    H3     sing N N 183 
DT  C4    O4     doub N N 184 
DT  C4    C5     sing N N 185 
DT  C5    C7     sing N N 186 
DT  C5    C6     doub N N 187 
DT  C7    H71    sing N N 188 
DT  C7    H72    sing N N 189 
DT  C7    H73    sing N N 190 
DT  C6    H6     sing N N 191 
HOH O     H1     sing N N 192 
HOH O     H2     sing N N 193 
# 
loop_
_ndb_struct_conf_na.entry_id 
_ndb_struct_conf_na.feature 
218D 'double helix'         
218D 'b-form double helix'  
218D 'mismatched base pair' 
# 
loop_
_ndb_struct_na_base_pair.model_number 
_ndb_struct_na_base_pair.i_label_asym_id 
_ndb_struct_na_base_pair.i_label_comp_id 
_ndb_struct_na_base_pair.i_label_seq_id 
_ndb_struct_na_base_pair.i_symmetry 
_ndb_struct_na_base_pair.j_label_asym_id 
_ndb_struct_na_base_pair.j_label_comp_id 
_ndb_struct_na_base_pair.j_label_seq_id 
_ndb_struct_na_base_pair.j_symmetry 
_ndb_struct_na_base_pair.shear 
_ndb_struct_na_base_pair.stretch 
_ndb_struct_na_base_pair.stagger 
_ndb_struct_na_base_pair.buckle 
_ndb_struct_na_base_pair.propeller 
_ndb_struct_na_base_pair.opening 
_ndb_struct_na_base_pair.pair_number 
_ndb_struct_na_base_pair.pair_name 
_ndb_struct_na_base_pair.i_auth_asym_id 
_ndb_struct_na_base_pair.i_auth_seq_id 
_ndb_struct_na_base_pair.i_PDB_ins_code 
_ndb_struct_na_base_pair.j_auth_asym_id 
_ndb_struct_na_base_pair.j_auth_seq_id 
_ndb_struct_na_base_pair.j_PDB_ins_code 
_ndb_struct_na_base_pair.hbond_type_28 
_ndb_struct_na_base_pair.hbond_type_12 
1 A DC  1  1_555 B DG  12 1_555 0.487  -0.142 -0.049 0.310   -15.929 2.140  1  A_DC1:DG24_B   A 1  ? B 24 ? 19 1 
1 A DG  2  1_555 B DC  11 1_555 -0.833 -0.471 0.101  -10.470 -11.601 -0.834 2  A_DG2:DC23_B   A 2  ? B 23 ? 19 1 
1 A DT  3  1_555 B 6OG 10 1_555 -0.120 0.144  -0.111 -1.658  -10.853 4.003  3  A_DT3:6OG22_B  A 3  ? B 22 ? ?  ? 
1 A DG  4  1_555 B DC  9  1_555 0.107  -0.215 -0.212 1.543   -12.570 0.379  4  A_DG4:DC21_B   A 4  ? B 21 ? 19 1 
1 A DA  5  1_555 B DT  8  1_555 0.148  -0.090 0.322  5.063   -17.013 8.328  5  A_DA5:DT20_B   A 5  ? B 20 ? 20 1 
1 A DA  6  1_555 B DT  7  1_555 -0.115 -0.431 -0.148 4.773   -14.673 -4.636 6  A_DA6:DT19_B   A 6  ? B 19 ? 20 1 
1 A DT  7  1_555 B DA  6  1_555 -0.350 -0.390 0.091  0.641   -12.868 -3.170 7  A_DT7:DA18_B   A 7  ? B 18 ? 20 1 
1 A DT  8  1_555 B DA  5  1_555 -0.736 -0.171 0.413  -1.630  -12.833 0.306  8  A_DT8:DA17_B   A 8  ? B 17 ? 20 1 
1 A DC  9  1_555 B DG  4  1_555 0.727  -0.143 -0.186 -5.426  -20.468 3.416  9  A_DC9:DG16_B   A 9  ? B 16 ? 19 1 
1 A 6OG 10 1_555 B DT  3  1_555 -0.040 -0.098 0.555  -1.383  -21.762 2.739  10 A_6OG10:DT15_B A 10 ? B 15 ? ?  ? 
1 A DC  11 1_555 B DG  2  1_555 -0.111 -0.196 0.301  -2.200  -7.641  -0.766 11 A_DC11:DG14_B  A 11 ? B 14 ? 19 1 
1 A DG  12 1_555 B DC  1  1_555 -0.873 -0.246 0.177  8.118   -12.163 4.502  12 A_DG12:DC13_B  A 12 ? B 13 ? 19 1 
# 
loop_
_ndb_struct_na_base_pair_step.model_number 
_ndb_struct_na_base_pair_step.i_label_asym_id_1 
_ndb_struct_na_base_pair_step.i_label_comp_id_1 
_ndb_struct_na_base_pair_step.i_label_seq_id_1 
_ndb_struct_na_base_pair_step.i_symmetry_1 
_ndb_struct_na_base_pair_step.j_label_asym_id_1 
_ndb_struct_na_base_pair_step.j_label_comp_id_1 
_ndb_struct_na_base_pair_step.j_label_seq_id_1 
_ndb_struct_na_base_pair_step.j_symmetry_1 
_ndb_struct_na_base_pair_step.i_label_asym_id_2 
_ndb_struct_na_base_pair_step.i_label_comp_id_2 
_ndb_struct_na_base_pair_step.i_label_seq_id_2 
_ndb_struct_na_base_pair_step.i_symmetry_2 
_ndb_struct_na_base_pair_step.j_label_asym_id_2 
_ndb_struct_na_base_pair_step.j_label_comp_id_2 
_ndb_struct_na_base_pair_step.j_label_seq_id_2 
_ndb_struct_na_base_pair_step.j_symmetry_2 
_ndb_struct_na_base_pair_step.shift 
_ndb_struct_na_base_pair_step.slide 
_ndb_struct_na_base_pair_step.rise 
_ndb_struct_na_base_pair_step.tilt 
_ndb_struct_na_base_pair_step.roll 
_ndb_struct_na_base_pair_step.twist 
_ndb_struct_na_base_pair_step.x_displacement 
_ndb_struct_na_base_pair_step.y_displacement 
_ndb_struct_na_base_pair_step.helical_rise 
_ndb_struct_na_base_pair_step.inclination 
_ndb_struct_na_base_pair_step.tip 
_ndb_struct_na_base_pair_step.helical_twist 
_ndb_struct_na_base_pair_step.step_number 
_ndb_struct_na_base_pair_step.step_name 
_ndb_struct_na_base_pair_step.i_auth_asym_id_1 
_ndb_struct_na_base_pair_step.i_auth_seq_id_1 
_ndb_struct_na_base_pair_step.i_PDB_ins_code_1 
_ndb_struct_na_base_pair_step.j_auth_asym_id_1 
_ndb_struct_na_base_pair_step.j_auth_seq_id_1 
_ndb_struct_na_base_pair_step.j_PDB_ins_code_1 
_ndb_struct_na_base_pair_step.i_auth_asym_id_2 
_ndb_struct_na_base_pair_step.i_auth_seq_id_2 
_ndb_struct_na_base_pair_step.i_PDB_ins_code_2 
_ndb_struct_na_base_pair_step.j_auth_asym_id_2 
_ndb_struct_na_base_pair_step.j_auth_seq_id_2 
_ndb_struct_na_base_pair_step.j_PDB_ins_code_2 
1 A DC  1  1_555 B DG  12 1_555 A DG  2  1_555 B DC  11 1_555 0.959  -0.444 3.425 7.104  8.472   35.869 -1.870 -0.504 3.361 13.370 
-11.212 37.480 1  AA_DC1DG2:DC23DG24_BB    A 1  ? B 24 ? A 2  ? B 23 ? 
1 A DG  2  1_555 B DC  11 1_555 A DT  3  1_555 B 6OG 10 1_555 0.509  0.128  3.155 4.111  -0.752  35.979 0.308  -0.257 3.189 -1.212 
-6.628  36.213 2  AA_DG2DT3:6OG22DC23_BB   A 2  ? B 23 ? A 3  ? B 22 ? 
1 A DT  3  1_555 B 6OG 10 1_555 A DG  4  1_555 B DC  9  1_555 -0.496 -0.189 3.225 1.934  14.950  27.089 -3.165 1.293  2.712 29.222 
-3.781  30.932 3  AA_DT3DG4:DC216OG22_BB   A 3  ? B 22 ? A 4  ? B 21 ? 
1 A DG  4  1_555 B DC  9  1_555 A DA  5  1_555 B DT  8  1_555 -0.312 0.423  3.246 -5.786 7.846   37.603 -0.335 -0.246 3.277 11.928 
8.797   38.801 4  AA_DG4DA5:DT20DC21_BB    A 4  ? B 21 ? A 5  ? B 20 ? 
1 A DA  5  1_555 B DT  8  1_555 A DA  6  1_555 B DT  7  1_555 -0.637 0.153  3.128 0.532  5.272   34.898 -0.495 1.126  3.108 8.728 
-0.882  35.286 5  AA_DA5DA6:DT19DT20_BB    A 5  ? B 20 ? A 6  ? B 19 ? 
1 A DA  6  1_555 B DT  7  1_555 A DT  7  1_555 B DA  6  1_555 0.054  -0.703 3.403 -4.833 -9.747  34.481 0.341  -0.819 3.431 
-15.958 7.913   36.107 6  AA_DA6DT7:DA18DT19_BB    A 6  ? B 19 ? A 7  ? B 18 ? 
1 A DT  7  1_555 B DA  6  1_555 A DT  8  1_555 B DA  5  1_555 0.037  -0.610 3.251 -3.147 1.159   32.592 -1.279 -0.602 3.210 2.058 
5.588   32.760 7  AA_DT7DT8:DA17DA18_BB    A 7  ? B 18 ? A 8  ? B 17 ? 
1 A DT  8  1_555 B DA  5  1_555 A DC  9  1_555 B DG  4  1_555 0.097  0.263  3.348 9.296  -12.686 52.696 1.061  0.463  3.186 
-13.944 -10.217 54.832 8  AA_DT8DC9:DG16DA17_BB    A 8  ? B 17 ? A 9  ? B 16 ? 
1 A DC  9  1_555 B DG  4  1_555 A 6OG 10 1_555 B DT  3  1_555 0.711  0.232  3.320 -3.447 9.655   26.364 -1.805 -2.270 3.094 20.223 
7.220   28.254 9  AA_DC96OG10:DT15DG16_BB  A 9  ? B 16 ? A 10 ? B 15 ? 
1 A 6OG 10 1_555 B DT  3  1_555 A DC  11 1_555 B DG  2  1_555 -1.112 0.809  3.352 -1.697 -8.602  41.583 1.998  1.362  3.172 
-11.957 2.359   42.457 10 AA_6OG10DC11:DG14DT15_BB A 10 ? B 15 ? A 11 ? B 14 ? 
1 A DC  11 1_555 B DG  2  1_555 A DG  12 1_555 B DC  1  1_555 -0.518 1.384  3.270 1.730  -1.169  32.080 2.707  1.242  3.188 -2.112 
-3.127  32.146 11 AA_DC11DG12:DC13DG14_BB  A 11 ? B 14 ? A 12 ? B 13 ? 
# 
_atom_sites.entry_id                    218D 
_atom_sites.fract_transf_matrix[1][1]   0.01501281 
_atom_sites.fract_transf_matrix[1][2]   -0.03370508 
_atom_sites.fract_transf_matrix[1][3]   0.02612176 
_atom_sites.fract_transf_matrix[2][1]   0.01933850 
_atom_sites.fract_transf_matrix[2][2]   -0.00417964 
_atom_sites.fract_transf_matrix[2][3]   -0.01650732 
_atom_sites.fract_transf_matrix[3][1]   0.00886118 
_atom_sites.fract_transf_matrix[3][2]   0.01002504 
_atom_sites.fract_transf_matrix[3][3]   0.00784264 
_atom_sites.fract_transf_vector[1]      0.754470 
_atom_sites.fract_transf_vector[2]      0.621737 
_atom_sites.fract_transf_vector[3]      0.287953 
# 
loop_
_atom_type.symbol 
C 
N 
O 
P 
# 
loop_
_atom_site.group_PDB 
_atom_site.id 
_atom_site.type_symbol 
_atom_site.label_atom_id 
_atom_site.label_alt_id 
_atom_site.label_comp_id 
_atom_site.label_asym_id 
_atom_site.label_entity_id 
_atom_site.label_seq_id 
_atom_site.pdbx_PDB_ins_code 
_atom_site.Cartn_x 
_atom_site.Cartn_y 
_atom_site.Cartn_z 
_atom_site.occupancy 
_atom_site.B_iso_or_equiv 
_atom_site.pdbx_formal_charge 
_atom_site.auth_seq_id 
_atom_site.auth_comp_id 
_atom_site.auth_asym_id 
_atom_site.auth_atom_id 
_atom_site.pdbx_PDB_model_num 
ATOM   1   O "O5'" . DC  A 1 1  ? 8.570   -0.676  16.641  1.00 15.29 ? 1  DC  A "O5'" 1 
ATOM   2   C "C5'" . DC  A 1 1  ? 8.227   -0.497  17.993  1.00 12.70 ? 1  DC  A "C5'" 1 
ATOM   3   C "C4'" . DC  A 1 1  ? 7.531   0.832   18.192  1.00 13.48 ? 1  DC  A "C4'" 1 
ATOM   4   O "O4'" . DC  A 1 1  ? 8.467   1.912   17.992  1.00 11.01 ? 1  DC  A "O4'" 1 
ATOM   5   C "C3'" . DC  A 1 1  ? 6.392   1.124   17.225  1.00 11.53 ? 1  DC  A "C3'" 1 
ATOM   6   O "O3'" . DC  A 1 1  ? 5.126   0.617   17.717  1.00 15.01 ? 1  DC  A "O3'" 1 
ATOM   7   C "C2'" . DC  A 1 1  ? 6.348   2.634   17.245  1.00 10.10 ? 1  DC  A "C2'" 1 
ATOM   8   C "C1'" . DC  A 1 1  ? 7.780   3.025   17.464  1.00 6.90  ? 1  DC  A "C1'" 1 
ATOM   9   N N1    . DC  A 1 1  ? 8.444   3.438   16.246  1.00 5.75  ? 1  DC  A N1    1 
ATOM   10  C C2    . DC  A 1 1  ? 8.280   4.733   15.871  1.00 2.90  ? 1  DC  A C2    1 
ATOM   11  O O2    . DC  A 1 1  ? 7.542   5.426   16.527  1.00 2.30  ? 1  DC  A O2    1 
ATOM   12  N N3    . DC  A 1 1  ? 8.921   5.206   14.810  1.00 2.24  ? 1  DC  A N3    1 
ATOM   13  C C4    . DC  A 1 1  ? 9.728   4.418   14.118  1.00 1.69  ? 1  DC  A C4    1 
ATOM   14  N N4    . DC  A 1 1  ? 10.404  4.976   13.090  1.00 2.52  ? 1  DC  A N4    1 
ATOM   15  C C5    . DC  A 1 1  ? 9.890   3.046   14.444  1.00 2.89  ? 1  DC  A C5    1 
ATOM   16  C C6    . DC  A 1 1  ? 9.226   2.592   15.508  1.00 2.88  ? 1  DC  A C6    1 
ATOM   17  P P     . DG  A 1 2  ? 3.971   0.190   16.652  1.00 14.05 ? 2  DG  A P     1 
ATOM   18  O OP1   . DG  A 1 2  ? 2.902   -0.667  17.318  1.00 16.30 ? 2  DG  A OP1   1 
ATOM   19  O OP2   . DG  A 1 2  ? 4.692   -0.286  15.419  1.00 10.85 ? 2  DG  A OP2   1 
ATOM   20  O "O5'" . DG  A 1 2  ? 3.288   1.583   16.244  1.00 10.46 ? 2  DG  A "O5'" 1 
ATOM   21  C "C5'" . DG  A 1 2  ? 2.742   2.471   17.210  1.00 5.04  ? 2  DG  A "C5'" 1 
ATOM   22  C "C4'" . DG  A 1 2  ? 2.550   3.807   16.547  1.00 5.02  ? 2  DG  A "C4'" 1 
ATOM   23  O "O4'" . DG  A 1 2  ? 3.829   4.168   15.963  1.00 5.55  ? 2  DG  A "O4'" 1 
ATOM   24  C "C3'" . DG  A 1 2  ? 1.706   3.646   15.309  1.00 6.01  ? 2  DG  A "C3'" 1 
ATOM   25  O "O3'" . DG  A 1 2  ? 0.344   3.695   15.547  1.00 5.69  ? 2  DG  A "O3'" 1 
ATOM   26  C "C2'" . DG  A 1 2  ? 2.114   4.830   14.462  1.00 5.03  ? 2  DG  A "C2'" 1 
ATOM   27  C "C1'" . DG  A 1 2  ? 3.625   4.934   14.769  1.00 3.95  ? 2  DG  A "C1'" 1 
ATOM   28  N N9    . DG  A 1 2  ? 4.682   4.626   13.780  1.00 2.06  ? 2  DG  A N9    1 
ATOM   29  C C8    . DG  A 1 2  ? 5.283   3.439   13.568  1.00 3.22  ? 2  DG  A C8    1 
ATOM   30  N N7    . DG  A 1 2  ? 6.232   3.498   12.692  1.00 4.23  ? 2  DG  A N7    1 
ATOM   31  C C5    . DG  A 1 2  ? 6.262   4.824   12.290  1.00 3.10  ? 2  DG  A C5    1 
ATOM   32  C C6    . DG  A 1 2  ? 7.099   5.505   11.337  1.00 3.58  ? 2  DG  A C6    1 
ATOM   33  O O6    . DG  A 1 2  ? 8.058   5.081   10.728  1.00 4.18  ? 2  DG  A O6    1 
ATOM   34  N N1    . DG  A 1 2  ? 6.735   6.826   11.182  1.00 1.62  ? 2  DG  A N1    1 
ATOM   35  C C2    . DG  A 1 2  ? 5.726   7.415   11.863  1.00 2.18  ? 2  DG  A C2    1 
ATOM   36  N N2    . DG  A 1 2  ? 5.450   8.641   11.522  1.00 2.79  ? 2  DG  A N2    1 
ATOM   37  N N3    . DG  A 1 2  ? 4.988   6.834   12.764  1.00 1.98  ? 2  DG  A N3    1 
ATOM   38  C C4    . DG  A 1 2  ? 5.304   5.530   12.923  1.00 2.19  ? 2  DG  A C4    1 
ATOM   39  P P     . DT  A 1 3  ? -0.622  3.532   14.292  1.00 9.75  ? 3  DT  A P     1 
ATOM   40  O OP1   . DT  A 1 3  ? -2.026  3.540   14.770  1.00 11.13 ? 3  DT  A OP1   1 
ATOM   41  O OP2   . DT  A 1 3  ? -0.077  2.354   13.582  1.00 7.59  ? 3  DT  A OP2   1 
ATOM   42  O "O5'" . DT  A 1 3  ? -0.387  4.775   13.338  1.00 4.99  ? 3  DT  A "O5'" 1 
ATOM   43  C "C5'" . DT  A 1 3  ? -0.852  6.084   13.650  1.00 2.00  ? 3  DT  A "C5'" 1 
ATOM   44  C "C4'" . DT  A 1 3  ? -0.303  7.032   12.616  1.00 2.68  ? 3  DT  A "C4'" 1 
ATOM   45  O "O4'" . DT  A 1 3  ? 1.011   6.550   12.327  1.00 3.81  ? 3  DT  A "O4'" 1 
ATOM   46  C "C3'" . DT  A 1 3  ? -1.013  6.993   11.267  1.00 4.43  ? 3  DT  A "C3'" 1 
ATOM   47  O "O3'" . DT  A 1 3  ? -1.750  8.191   11.149  1.00 7.99  ? 3  DT  A "O3'" 1 
ATOM   48  C "C2'" . DT  A 1 3  ? 0.098   7.052   10.220  1.00 1.48  ? 3  DT  A "C2'" 1 
ATOM   49  C "C1'" . DT  A 1 3  ? 1.361   6.893   11.006  1.00 2.00  ? 3  DT  A "C1'" 1 
ATOM   50  N N1    . DT  A 1 3  ? 2.202   5.856   10.541  1.00 1.53  ? 3  DT  A N1    1 
ATOM   51  C C2    . DT  A 1 3  ? 3.269   6.193   9.785   1.00 1.93  ? 3  DT  A C2    1 
ATOM   52  O O2    . DT  A 1 3  ? 3.483   7.322   9.425   1.00 3.01  ? 3  DT  A O2    1 
ATOM   53  N N3    . DT  A 1 3  ? 4.066   5.177   9.447   1.00 2.44  ? 3  DT  A N3    1 
ATOM   54  C C4    . DT  A 1 3  ? 3.889   3.848   9.748   1.00 4.82  ? 3  DT  A C4    1 
ATOM   55  O O4    . DT  A 1 3  ? 4.748   3.019   9.369   1.00 5.77  ? 3  DT  A O4    1 
ATOM   56  C C5    . DT  A 1 3  ? 2.664   3.548   10.518  1.00 4.56  ? 3  DT  A C5    1 
ATOM   57  C C7    . DT  A 1 3  ? 2.285   2.122   10.837  1.00 3.92  ? 3  DT  A C7    1 
ATOM   58  C C6    . DT  A 1 3  ? 1.920   4.574   10.878  1.00 1.98  ? 3  DT  A C6    1 
ATOM   59  P P     . DG  A 1 4  ? -2.918  8.298   10.079  1.00 12.82 ? 4  DG  A P     1 
ATOM   60  O OP1   . DG  A 1 4  ? -3.661  9.582   10.373  1.00 17.49 ? 4  DG  A OP1   1 
ATOM   61  O OP2   . DG  A 1 4  ? -3.614  6.981   10.161  1.00 18.16 ? 4  DG  A OP2   1 
ATOM   62  O "O5'" . DG  A 1 4  ? -2.172  8.486   8.707   1.00 11.37 ? 4  DG  A "O5'" 1 
ATOM   63  C "C5'" . DG  A 1 4  ? -1.704  9.778   8.362   1.00 15.48 ? 4  DG  A "C5'" 1 
ATOM   64  C "C4'" . DG  A 1 4  ? -0.891  9.702   7.102   1.00 14.96 ? 4  DG  A "C4'" 1 
ATOM   65  O "O4'" . DG  A 1 4  ? 0.044   8.628   7.291   1.00 13.65 ? 4  DG  A "O4'" 1 
ATOM   66  C "C3'" . DG  A 1 4  ? -1.705  9.344   5.848   1.00 16.22 ? 4  DG  A "C3'" 1 
ATOM   67  O "O3'" . DG  A 1 4  ? -1.720  10.506  4.983   1.00 19.51 ? 4  DG  A "O3'" 1 
ATOM   68  C "C2'" . DG  A 1 4  ? -0.982  8.125   5.269   1.00 13.66 ? 4  DG  A "C2'" 1 
ATOM   69  C "C1'" . DG  A 1 4  ? 0.344   8.117   6.023   1.00 10.85 ? 4  DG  A "C1'" 1 
ATOM   70  N N9    . DG  A 1 4  ? 0.958   6.823   6.238   1.00 5.81  ? 4  DG  A N9    1 
ATOM   71  C C8    . DG  A 1 4  ? 0.430   5.758   6.896   1.00 3.63  ? 4  DG  A C8    1 
ATOM   72  N N7    . DG  A 1 4  ? 1.243   4.750   6.962   1.00 4.87  ? 4  DG  A N7    1 
ATOM   73  C C5    . DG  A 1 4  ? 2.374   5.182   6.288   1.00 5.88  ? 4  DG  A C5    1 
ATOM   74  C C6    . DG  A 1 4  ? 3.553   4.498   5.952   1.00 7.15  ? 4  DG  A C6    1 
ATOM   75  O O6    . DG  A 1 4  ? 3.922   3.379   6.284   1.00 8.67  ? 4  DG  A O6    1 
ATOM   76  N N1    . DG  A 1 4  ? 4.359   5.259   5.150   1.00 8.89  ? 4  DG  A N1    1 
ATOM   77  C C2    . DG  A 1 4  ? 4.078   6.527   4.746   1.00 10.08 ? 4  DG  A C2    1 
ATOM   78  N N2    . DG  A 1 4  ? 4.981   7.101   3.977   1.00 11.97 ? 4  DG  A N2    1 
ATOM   79  N N3    . DG  A 1 4  ? 3.005   7.181   5.066   1.00 5.57  ? 4  DG  A N3    1 
ATOM   80  C C4    . DG  A 1 4  ? 2.200   6.454   5.832   1.00 5.20  ? 4  DG  A C4    1 
ATOM   81  P P     . DA  A 1 5  ? -2.374  10.450  3.506   1.00 20.33 ? 5  DA  A P     1 
ATOM   82  O OP1   . DA  A 1 5  ? -2.814  11.799  3.146   1.00 17.72 ? 5  DA  A OP1   1 
ATOM   83  O OP2   . DA  A 1 5  ? -3.352  9.335   3.487   1.00 25.07 ? 5  DA  A OP2   1 
ATOM   84  O "O5'" . DA  A 1 5  ? -1.180  10.021  2.549   1.00 15.97 ? 5  DA  A "O5'" 1 
ATOM   85  C "C5'" . DA  A 1 5  ? 0.113   10.573  2.716   1.00 17.04 ? 5  DA  A "C5'" 1 
ATOM   86  C "C4'" . DA  A 1 5  ? 0.837   10.609  1.396   1.00 17.79 ? 5  DA  A "C4'" 1 
ATOM   87  O "O4'" . DA  A 1 5  ? 1.653   9.420   1.297   1.00 15.02 ? 5  DA  A "O4'" 1 
ATOM   88  C "C3'" . DA  A 1 5  ? -0.111  10.583  0.194   1.00 19.95 ? 5  DA  A "C3'" 1 
ATOM   89  O "O3'" . DA  A 1 5  ? 0.416   11.461  -0.856  1.00 22.03 ? 5  DA  A "O3'" 1 
ATOM   90  C "C2'" . DA  A 1 5  ? -0.252  9.085   -0.096  1.00 16.07 ? 5  DA  A "C2'" 1 
ATOM   91  C "C1'" . DA  A 1 5  ? 0.982   8.434   0.568   1.00 15.17 ? 5  DA  A "C1'" 1 
ATOM   92  N N9    . DA  A 1 5  ? 0.741   7.300   1.471   1.00 11.50 ? 5  DA  A N9    1 
ATOM   93  C C8    . DA  A 1 5  ? -0.336  7.017   2.259   1.00 10.70 ? 5  DA  A C8    1 
ATOM   94  N N7    . DA  A 1 5  ? -0.233  5.881   2.906   1.00 11.15 ? 5  DA  A N7    1 
ATOM   95  C C5    . DA  A 1 5  ? 1.005   5.390   2.520   1.00 9.18  ? 5  DA  A C5    1 
ATOM   96  C C6    . DA  A 1 5  ? 1.667   4.201   2.786   1.00 9.85  ? 5  DA  A C6    1 
ATOM   97  N N6    . DA  A 1 5  ? 1.217   3.277   3.620   1.00 10.68 ? 5  DA  A N6    1 
ATOM   98  N N1    . DA  A 1 5  ? 2.850   3.976   2.164   1.00 13.00 ? 5  DA  A N1    1 
ATOM   99  C C2    . DA  A 1 5  ? 3.336   4.908   1.344   1.00 11.88 ? 5  DA  A C2    1 
ATOM   100 N N3    . DA  A 1 5  ? 2.811   6.079   1.021   1.00 12.98 ? 5  DA  A N3    1 
ATOM   101 C C4    . DA  A 1 5  ? 1.622   6.259   1.648   1.00 12.13 ? 5  DA  A C4    1 
ATOM   102 P P     . DA  A 1 6  ? 0.115   11.176  -2.438  1.00 23.77 ? 6  DA  A P     1 
ATOM   103 O OP1   . DA  A 1 6  ? 0.733   12.270  -3.247  1.00 21.94 ? 6  DA  A OP1   1 
ATOM   104 O OP2   . DA  A 1 6  ? -1.339  10.838  -2.659  1.00 20.94 ? 6  DA  A OP2   1 
ATOM   105 O "O5'" . DA  A 1 6  ? 0.984   9.861   -2.702  1.00 23.96 ? 6  DA  A "O5'" 1 
ATOM   106 C "C5'" . DA  A 1 6  ? 2.206   9.912   -3.447  1.00 23.14 ? 6  DA  A "C5'" 1 
ATOM   107 C "C4'" . DA  A 1 6  ? 2.664   8.526   -3.872  1.00 20.62 ? 6  DA  A "C4'" 1 
ATOM   108 O "O4'" . DA  A 1 6  ? 2.381   7.528   -2.876  1.00 17.48 ? 6  DA  A "O4'" 1 
ATOM   109 C "C3'" . DA  A 1 6  ? 2.127   7.986   -5.207  1.00 21.87 ? 6  DA  A "C3'" 1 
ATOM   110 O "O3'" . DA  A 1 6  ? 3.300   7.636   -5.965  1.00 24.45 ? 6  DA  A "O3'" 1 
ATOM   111 C "C2'" . DA  A 1 6  ? 1.242   6.798   -4.802  1.00 18.38 ? 6  DA  A "C2'" 1 
ATOM   112 C "C1'" . DA  A 1 6  ? 1.887   6.353   -3.489  1.00 15.98 ? 6  DA  A "C1'" 1 
ATOM   113 N N9    . DA  A 1 6  ? 1.098   5.664   -2.465  1.00 12.12 ? 6  DA  A N9    1 
ATOM   114 C C8    . DA  A 1 6  ? -0.094  6.004   -1.880  1.00 9.64  ? 6  DA  A C8    1 
ATOM   115 N N7    . DA  A 1 6  ? -0.454  5.180   -0.914  1.00 8.46  ? 6  DA  A N7    1 
ATOM   116 C C5    . DA  A 1 6  ? 0.563   4.232   -0.887  1.00 8.35  ? 6  DA  A C5    1 
ATOM   117 C C6    . DA  A 1 6  ? 0.790   3.109   -0.078  1.00 9.40  ? 6  DA  A C6    1 
ATOM   118 N N6    . DA  A 1 6  ? -0.015  2.742   0.908   1.00 13.31 ? 6  DA  A N6    1 
ATOM   119 N N1    . DA  A 1 6  ? 1.887   2.369   -0.312  1.00 10.59 ? 6  DA  A N1    1 
ATOM   120 C C2    . DA  A 1 6  ? 2.709   2.738   -1.281  1.00 11.86 ? 6  DA  A C2    1 
ATOM   121 N N3    . DA  A 1 6  ? 2.619   3.783   -2.103  1.00 14.65 ? 6  DA  A N3    1 
ATOM   122 C C4    . DA  A 1 6  ? 1.505   4.501   -1.846  1.00 11.16 ? 6  DA  A C4    1 
ATOM   123 P P     . DT  A 1 7  ? 3.187   7.315   -7.519  1.00 22.96 ? 7  DT  A P     1 
ATOM   124 O OP1   . DT  A 1 7  ? 4.391   7.770   -8.266  1.00 21.33 ? 7  DT  A OP1   1 
ATOM   125 O OP2   . DT  A 1 7  ? 1.871   7.842   -7.888  1.00 27.90 ? 7  DT  A OP2   1 
ATOM   126 O "O5'" . DT  A 1 7  ? 3.179   5.718   -7.519  1.00 23.27 ? 7  DT  A "O5'" 1 
ATOM   127 C "C5'" . DT  A 1 7  ? 4.421   5.006   -7.439  1.00 20.44 ? 7  DT  A "C5'" 1 
ATOM   128 C "C4'" . DT  A 1 7  ? 4.278   3.691   -6.696  1.00 19.04 ? 7  DT  A "C4'" 1 
ATOM   129 O "O4'" . DT  A 1 7  ? 3.274   3.683   -5.661  1.00 17.97 ? 7  DT  A "O4'" 1 
ATOM   130 C "C3'" . DT  A 1 7  ? 3.969   2.475   -7.579  1.00 18.42 ? 7  DT  A "C3'" 1 
ATOM   131 O "O3'" . DT  A 1 7  ? 5.148   1.725   -7.745  1.00 18.50 ? 7  DT  A "O3'" 1 
ATOM   132 C "C2'" . DT  A 1 7  ? 2.960   1.663   -6.785  1.00 16.20 ? 7  DT  A "C2'" 1 
ATOM   133 C "C1'" . DT  A 1 7  ? 3.010   2.304   -5.418  1.00 15.88 ? 7  DT  A "C1'" 1 
ATOM   134 N N1    . DT  A 1 7  ? 1.757   2.204   -4.673  1.00 12.96 ? 7  DT  A N1    1 
ATOM   135 C C2    . DT  A 1 7  ? 1.597   1.166   -3.789  1.00 12.05 ? 7  DT  A C2    1 
ATOM   136 O O2    . DT  A 1 7  ? 2.449   0.330   -3.576  1.00 9.92  ? 7  DT  A O2    1 
ATOM   137 N N3    . DT  A 1 7  ? 0.386   1.150   -3.156  1.00 9.87  ? 7  DT  A N3    1 
ATOM   138 C C4    . DT  A 1 7  ? -0.653  2.056   -3.313  1.00 9.79  ? 7  DT  A C4    1 
ATOM   139 O O4    . DT  A 1 7  ? -1.693  1.904   -2.698  1.00 10.07 ? 7  DT  A O4    1 
ATOM   140 C C5    . DT  A 1 7  ? -0.401  3.124   -4.224  1.00 9.04  ? 7  DT  A C5    1 
ATOM   141 C C7    . DT  A 1 7  ? -1.449  4.187   -4.417  1.00 10.04 ? 7  DT  A C7    1 
ATOM   142 C C6    . DT  A 1 7  ? 0.773   3.136   -4.862  1.00 9.40  ? 7  DT  A C6    1 
ATOM   143 P P     . DT  A 1 8  ? 5.343   0.830   -9.062  1.00 22.10 ? 8  DT  A P     1 
ATOM   144 O OP1   . DT  A 1 8  ? 6.796   0.867   -9.393  1.00 17.32 ? 8  DT  A OP1   1 
ATOM   145 O OP2   . DT  A 1 8  ? 4.310   1.250   -10.082 1.00 14.95 ? 8  DT  A OP2   1 
ATOM   146 O "O5'" . DT  A 1 8  ? 5.025   -0.619  -8.505  1.00 15.08 ? 8  DT  A "O5'" 1 
ATOM   147 C "C5'" . DT  A 1 8  ? 5.810   -1.120  -7.465  1.00 10.46 ? 8  DT  A "C5'" 1 
ATOM   148 C "C4'" . DT  A 1 8  ? 5.033   -2.155  -6.711  1.00 9.10  ? 8  DT  A "C4'" 1 
ATOM   149 O "O4'" . DT  A 1 8  ? 3.840   -1.587  -6.151  1.00 5.14  ? 8  DT  A "O4'" 1 
ATOM   150 C "C3'" . DT  A 1 8  ? 4.581   -3.300  -7.611  1.00 8.69  ? 8  DT  A "C3'" 1 
ATOM   151 O "O3'" . DT  A 1 8  ? 4.975   -4.504  -6.951  1.00 12.21 ? 8  DT  A "O3'" 1 
ATOM   152 C "C2'" . DT  A 1 8  ? 3.070   -3.118  -7.671  1.00 3.85  ? 8  DT  A "C2'" 1 
ATOM   153 C "C1'" . DT  A 1 8  ? 2.842   -2.555  -6.305  1.00 6.38  ? 8  DT  A "C1'" 1 
ATOM   154 N N1    . DT  A 1 8  ? 1.562   -1.913  -6.093  1.00 6.17  ? 8  DT  A N1    1 
ATOM   155 C C2    . DT  A 1 8  ? 0.712   -2.501  -5.202  1.00 3.01  ? 8  DT  A C2    1 
ATOM   156 O O2    . DT  A 1 8  ? 0.992   -3.491  -4.619  1.00 6.20  ? 8  DT  A O2    1 
ATOM   157 N N3    . DT  A 1 8  ? -0.489  -1.869  -5.038  1.00 2.40  ? 8  DT  A N3    1 
ATOM   158 C C4    . DT  A 1 8  ? -0.900  -0.725  -5.669  1.00 2.00  ? 8  DT  A C4    1 
ATOM   159 O O4    . DT  A 1 8  ? -2.010  -0.293  -5.464  1.00 2.00  ? 8  DT  A O4    1 
ATOM   160 C C5    . DT  A 1 8  ? 0.057   -0.127  -6.564  1.00 5.16  ? 8  DT  A C5    1 
ATOM   161 C C7    . DT  A 1 8  ? -0.287  1.174   -7.207  1.00 4.53  ? 8  DT  A C7    1 
ATOM   162 C C6    . DT  A 1 8  ? 1.222   -0.754  -6.756  1.00 5.05  ? 8  DT  A C6    1 
ATOM   163 P P     . DC  A 1 9  ? 4.973   -5.906  -7.728  1.00 17.39 ? 9  DC  A P     1 
ATOM   164 O OP1   . DC  A 1 9  ? 6.315   -6.545  -7.677  1.00 18.71 ? 9  DC  A OP1   1 
ATOM   165 O OP2   . DC  A 1 9  ? 4.304   -5.742  -9.063  1.00 14.87 ? 9  DC  A OP2   1 
ATOM   166 O "O5'" . DC  A 1 9  ? 4.046   -6.759  -6.761  1.00 15.78 ? 9  DC  A "O5'" 1 
ATOM   167 C "C5'" . DC  A 1 9  ? 4.288   -6.798  -5.356  1.00 11.80 ? 9  DC  A "C5'" 1 
ATOM   168 C "C4'" . DC  A 1 9  ? 3.039   -7.265  -4.660  1.00 8.12  ? 9  DC  A "C4'" 1 
ATOM   169 O "O4'" . DC  A 1 9  ? 1.989   -6.328  -5.001  1.00 8.18  ? 9  DC  A "O4'" 1 
ATOM   170 C "C3'" . DC  A 1 9  ? 2.564   -8.628  -5.169  1.00 9.44  ? 9  DC  A "C3'" 1 
ATOM   171 O "O3'" . DC  A 1 9  ? 2.272   -9.487  -4.068  1.00 14.37 ? 9  DC  A "O3'" 1 
ATOM   172 C "C2'" . DC  A 1 9  ? 1.290   -8.329  -5.948  1.00 7.57  ? 9  DC  A "C2'" 1 
ATOM   173 C "C1'" . DC  A 1 9  ? 0.796   -7.046  -5.295  1.00 7.21  ? 9  DC  A "C1'" 1 
ATOM   174 N N1    . DC  A 1 9  ? -0.018  -6.176  -6.149  1.00 7.24  ? 9  DC  A N1    1 
ATOM   175 C C2    . DC  A 1 9  ? -1.244  -5.660  -5.674  1.00 3.89  ? 9  DC  A C2    1 
ATOM   176 O O2    . DC  A 1 9  ? -1.701  -6.029  -4.593  1.00 3.45  ? 9  DC  A O2    1 
ATOM   177 N N3    . DC  A 1 9  ? -1.905  -4.763  -6.423  1.00 3.73  ? 9  DC  A N3    1 
ATOM   178 C C4    . DC  A 1 9  ? -1.415  -4.379  -7.605  1.00 2.28  ? 9  DC  A C4    1 
ATOM   179 N N4    . DC  A 1 9  ? -2.059  -3.417  -8.248  1.00 2.30  ? 9  DC  A N4    1 
ATOM   180 C C5    . DC  A 1 9  ? -0.227  -4.946  -8.155  1.00 4.78  ? 9  DC  A C5    1 
ATOM   181 C C6    . DC  A 1 9  ? 0.441   -5.834  -7.398  1.00 6.98  ? 9  DC  A C6    1 
HETATM 182 P P     . 6OG A 1 10 ? 2.341   -11.088 -4.275  1.00 14.39 ? 10 6OG A P     1 
HETATM 183 O OP1   . 6OG A 1 10 ? 2.945   -11.729 -3.086  1.00 13.26 ? 10 6OG A OP1   1 
HETATM 184 O OP2   . 6OG A 1 10 ? 3.019   -11.192 -5.591  1.00 12.80 ? 10 6OG A OP2   1 
HETATM 185 O "O5'" . 6OG A 1 10 ? 0.803   -11.532 -4.274  1.00 9.01  ? 10 6OG A "O5'" 1 
HETATM 186 N N9    . 6OG A 1 10 ? -2.701  -9.210  -7.165  1.00 3.59  ? 10 6OG A N9    1 
HETATM 187 C C4    . 6OG A 1 10 ? -3.637  -8.228  -7.361  1.00 5.67  ? 10 6OG A C4    1 
HETATM 188 N N3    . 6OG A 1 10 ? -4.717  -8.038  -6.608  1.00 7.44  ? 10 6OG A N3    1 
HETATM 189 C C2    . 6OG A 1 10 ? -5.490  -7.093  -7.086  1.00 5.92  ? 10 6OG A C2    1 
HETATM 190 N N2    . 6OG A 1 10 ? -6.633  -6.813  -6.514  1.00 5.16  ? 10 6OG A N2    1 
HETATM 191 N N1    . 6OG A 1 10 ? -5.215  -6.359  -8.170  1.00 6.07  ? 10 6OG A N1    1 
HETATM 192 C C6    . 6OG A 1 10 ? -4.117  -6.494  -8.980  1.00 7.15  ? 10 6OG A C6    1 
HETATM 193 O O6    . 6OG A 1 10 ? -4.007  -5.633  -10.031 1.00 8.74  ? 10 6OG A O6    1 
HETATM 194 C C5    . 6OG A 1 10 ? -3.266  -7.567  -8.518  1.00 5.99  ? 10 6OG A C5    1 
HETATM 195 N N7    . 6OG A 1 10 ? -2.129  -8.156  -9.066  1.00 9.01  ? 10 6OG A N7    1 
HETATM 196 C C8    . 6OG A 1 10 ? -1.824  -9.125  -8.216  1.00 5.64  ? 10 6OG A C8    1 
HETATM 197 C "C2'" . 6OG A 1 10 ? -2.245  -11.568 -6.306  1.00 7.62  ? 10 6OG A "C2'" 1 
HETATM 198 C "C5'" . 6OG A 1 10 ? -0.140  -10.761 -3.544  1.00 6.69  ? 10 6OG A "C5'" 1 
HETATM 199 C "C4'" . 6OG A 1 10 ? -1.505  -10.761 -4.200  1.00 8.13  ? 10 6OG A "C4'" 1 
HETATM 200 O "O4'" . 6OG A 1 10 ? -1.756  -9.671  -5.130  1.00 5.28  ? 10 6OG A "O4'" 1 
HETATM 201 C "C1'" . 6OG A 1 10 ? -2.688  -10.131 -6.042  1.00 5.73  ? 10 6OG A "C1'" 1 
HETATM 202 C "C3'" . 6OG A 1 10 ? -1.993  -12.040 -4.878  1.00 7.14  ? 10 6OG A "C3'" 1 
HETATM 203 O "O3'" . 6OG A 1 10 ? -3.246  -12.261 -4.255  1.00 11.40 ? 10 6OG A "O3'" 1 
HETATM 204 C C     . 6OG A 1 10 ? -2.793  -5.552  -10.742 1.00 10.69 ? 10 6OG A C     1 
ATOM   205 P P     . DC  A 1 11 ? -3.600  -13.664 -3.575  1.00 10.75 ? 11 DC  A P     1 
ATOM   206 O OP1   . DC  A 1 11 ? -3.036  -13.808 -2.207  1.00 9.00  ? 11 DC  A OP1   1 
ATOM   207 O OP2   . DC  A 1 11 ? -3.307  -14.714 -4.589  1.00 16.47 ? 11 DC  A OP2   1 
ATOM   208 O "O5'" . DC  A 1 11 ? -5.186  -13.553 -3.500  1.00 6.80  ? 11 DC  A "O5'" 1 
ATOM   209 C "C5'" . DC  A 1 11 ? -5.823  -12.797 -2.476  1.00 9.21  ? 11 DC  A "C5'" 1 
ATOM   210 C "C4'" . DC  A 1 11 ? -7.156  -12.255 -2.954  1.00 8.24  ? 11 DC  A "C4'" 1 
ATOM   211 O "O4'" . DC  A 1 11 ? -7.027  -11.357 -4.078  1.00 9.50  ? 11 DC  A "O4'" 1 
ATOM   212 C "C3'" . DC  A 1 11 ? -8.202  -13.274 -3.374  1.00 9.95  ? 11 DC  A "C3'" 1 
ATOM   213 O "O3'" . DC  A 1 11 ? -9.439  -12.781 -2.928  1.00 9.98  ? 11 DC  A "O3'" 1 
ATOM   214 C "C2'" . DC  A 1 11 ? -8.206  -13.207 -4.889  1.00 11.88 ? 11 DC  A "C2'" 1 
ATOM   215 C "C1'" . DC  A 1 11 ? -7.945  -11.736 -5.094  1.00 10.74 ? 11 DC  A "C1'" 1 
ATOM   216 N N1    . DC  A 1 11 ? -7.296  -11.432 -6.350  1.00 11.42 ? 11 DC  A N1    1 
ATOM   217 C C2    . DC  A 1 11 ? -7.787  -10.364 -7.088  1.00 9.57  ? 11 DC  A C2    1 
ATOM   218 O O2    . DC  A 1 11 ? -8.826  -9.773  -6.684  1.00 6.25  ? 11 DC  A O2    1 
ATOM   219 N N3    . DC  A 1 11 ? -7.138  -9.994  -8.216  1.00 11.07 ? 11 DC  A N3    1 
ATOM   220 C C4    . DC  A 1 11 ? -6.056  -10.661 -8.608  1.00 9.11  ? 11 DC  A C4    1 
ATOM   221 N N4    . DC  A 1 11 ? -5.437  -10.218 -9.689  1.00 9.79  ? 11 DC  A N4    1 
ATOM   222 C C5    . DC  A 1 11 ? -5.564  -11.804 -7.893  1.00 8.34  ? 11 DC  A C5    1 
ATOM   223 C C6    . DC  A 1 11 ? -6.209  -12.150 -6.780  1.00 8.61  ? 11 DC  A C6    1 
ATOM   224 P P     . DG  A 1 12 ? -10.554 -13.796 -2.457  1.00 3.66  ? 12 DG  A P     1 
ATOM   225 O OP1   . DG  A 1 12 ? -10.622 -13.835 -0.971  1.00 2.00  ? 12 DG  A OP1   1 
ATOM   226 O OP2   . DG  A 1 12 ? -10.183 -15.016 -3.173  1.00 9.92  ? 12 DG  A OP2   1 
ATOM   227 O "O5'" . DG  A 1 12 ? -11.808 -13.093 -3.107  1.00 6.97  ? 12 DG  A "O5'" 1 
ATOM   228 C "C5'" . DG  A 1 12 ? -11.828 -11.675 -3.280  1.00 8.36  ? 12 DG  A "C5'" 1 
ATOM   229 C "C4'" . DG  A 1 12 ? -13.149 -11.246 -3.874  1.00 11.95 ? 12 DG  A "C4'" 1 
ATOM   230 O "O4'" . DG  A 1 12 ? -12.982 -10.975 -5.276  1.00 15.61 ? 12 DG  A "O4'" 1 
ATOM   231 C "C3'" . DG  A 1 12 ? -14.228 -12.303 -3.820  1.00 11.57 ? 12 DG  A "C3'" 1 
ATOM   232 O "O3'" . DG  A 1 12 ? -15.478 -11.592 -3.987  1.00 12.34 ? 12 DG  A "O3'" 1 
ATOM   233 C "C2'" . DG  A 1 12 ? -13.878 -13.146 -5.036  1.00 10.44 ? 12 DG  A "C2'" 1 
ATOM   234 C "C1'" . DG  A 1 12 ? -13.396 -12.095 -6.040  1.00 11.49 ? 12 DG  A "C1'" 1 
ATOM   235 N N9    . DG  A 1 12 ? -12.268 -12.443 -6.907  1.00 10.44 ? 12 DG  A N9    1 
ATOM   236 C C8    . DG  A 1 12 ? -11.475 -13.575 -6.868  1.00 8.51  ? 12 DG  A C8    1 
ATOM   237 N N7    . DG  A 1 12 ? -10.531 -13.568 -7.768  1.00 8.69  ? 12 DG  A N7    1 
ATOM   238 C C5    . DG  A 1 12 ? -10.719 -12.367 -8.443  1.00 7.02  ? 12 DG  A C5    1 
ATOM   239 C C6    . DG  A 1 12 ? -10.041 -11.844 -9.537  1.00 7.04  ? 12 DG  A C6    1 
ATOM   240 O O6    . DG  A 1 12 ? -9.100  -12.335 -10.143 1.00 10.46 ? 12 DG  A O6    1 
ATOM   241 N N1    . DG  A 1 12 ? -10.569 -10.626 -9.945  1.00 5.64  ? 12 DG  A N1    1 
ATOM   242 C C2    . DG  A 1 12 ? -11.653 -10.002 -9.370  1.00 7.83  ? 12 DG  A C2    1 
ATOM   243 N N2    . DG  A 1 12 ? -12.057 -8.848  -9.930  1.00 6.36  ? 12 DG  A N2    1 
ATOM   244 N N3    . DG  A 1 12 ? -12.305 -10.488 -8.328  1.00 7.52  ? 12 DG  A N3    1 
ATOM   245 C C4    . DG  A 1 12 ? -11.787 -11.668 -7.922  1.00 8.34  ? 12 DG  A C4    1 
ATOM   246 O "O5'" . DC  B 1 1  ? -8.248  -7.440  -17.974 1.00 18.26 ? 13 DC  B "O5'" 1 
ATOM   247 C "C5'" . DC  B 1 1  ? -9.377  -8.173  -17.462 1.00 14.09 ? 13 DC  B "C5'" 1 
ATOM   248 C "C4'" . DC  B 1 1  ? -10.463 -7.265  -16.936 1.00 13.22 ? 13 DC  B "C4'" 1 
ATOM   249 O "O4'" . DC  B 1 1  ? -10.963 -7.780  -15.692 1.00 13.11 ? 13 DC  B "O4'" 1 
ATOM   250 C "C3'" . DC  B 1 1  ? -10.044 -5.834  -16.613 1.00 14.60 ? 13 DC  B "C3'" 1 
ATOM   251 O "O3'" . DC  B 1 1  ? -11.224 -5.012  -16.615 1.00 17.62 ? 13 DC  B "O3'" 1 
ATOM   252 C "C2'" . DC  B 1 1  ? -9.493  -5.948  -15.205 1.00 14.36 ? 13 DC  B "C2'" 1 
ATOM   253 C "C1'" . DC  B 1 1  ? -10.252 -7.153  -14.611 1.00 14.20 ? 13 DC  B "C1'" 1 
ATOM   254 N N1    . DC  B 1 1  ? -9.381  -8.185  -13.991 1.00 10.68 ? 13 DC  B N1    1 
ATOM   255 C C2    . DC  B 1 1  ? -9.804  -8.820  -12.800 1.00 12.05 ? 13 DC  B C2    1 
ATOM   256 O O2    . DC  B 1 1  ? -10.890 -8.461  -12.239 1.00 9.51  ? 13 DC  B O2    1 
ATOM   257 N N3    . DC  B 1 1  ? -9.021  -9.811  -12.281 1.00 12.59 ? 13 DC  B N3    1 
ATOM   258 C C4    . DC  B 1 1  ? -7.870  -10.166 -12.895 1.00 10.22 ? 13 DC  B C4    1 
ATOM   259 N N4    . DC  B 1 1  ? -7.172  -11.182 -12.369 1.00 8.09  ? 13 DC  B N4    1 
ATOM   260 C C5    . DC  B 1 1  ? -7.404  -9.506  -14.072 1.00 7.62  ? 13 DC  B C5    1 
ATOM   261 C C6    . DC  B 1 1  ? -8.183  -8.537  -14.581 1.00 8.47  ? 13 DC  B C6    1 
ATOM   262 P P     . DG  B 1 2  ? -11.101 -3.426  -16.706 1.00 9.65  ? 14 DG  B P     1 
ATOM   263 O OP1   . DG  B 1 2  ? -12.294 -2.853  -17.392 1.00 9.40  ? 14 DG  B OP1   1 
ATOM   264 O OP2   . DG  B 1 2  ? -9.755  -3.223  -17.281 1.00 15.70 ? 14 DG  B OP2   1 
ATOM   265 O "O5'" . DG  B 1 2  ? -11.214 -3.053  -15.173 1.00 9.93  ? 14 DG  B "O5'" 1 
ATOM   266 C "C5'" . DG  B 1 2  ? -12.428 -3.291  -14.486 1.00 7.91  ? 14 DG  B "C5'" 1 
ATOM   267 C "C4'" . DG  B 1 2  ? -12.187 -3.260  -12.999 1.00 10.36 ? 14 DG  B "C4'" 1 
ATOM   268 O "O4'" . DG  B 1 2  ? -11.249 -4.299  -12.639 1.00 11.97 ? 14 DG  B "O4'" 1 
ATOM   269 C "C3'" . DG  B 1 2  ? -11.608 -1.938  -12.458 1.00 12.21 ? 14 DG  B "C3'" 1 
ATOM   270 O "O3'" . DG  B 1 2  ? -12.342 -1.578  -11.277 1.00 16.62 ? 14 DG  B "O3'" 1 
ATOM   271 C "C2'" . DG  B 1 2  ? -10.178 -2.306  -12.079 1.00 12.30 ? 14 DG  B "C2'" 1 
ATOM   272 C "C1'" . DG  B 1 2  ? -10.341 -3.762  -11.677 1.00 12.12 ? 14 DG  B "C1'" 1 
ATOM   273 N N9    . DG  B 1 2  ? -9.119  -4.560  -11.713 1.00 7.85  ? 14 DG  B N9    1 
ATOM   274 C C8    . DG  B 1 2  ? -8.082  -4.437  -12.599 1.00 4.83  ? 14 DG  B C8    1 
ATOM   275 N N7    . DG  B 1 2  ? -7.146  -5.327  -12.410 1.00 3.32  ? 14 DG  B N7    1 
ATOM   276 C C5    . DG  B 1 2  ? -7.593  -6.086  -11.336 1.00 2.73  ? 14 DG  B C5    1 
ATOM   277 C C6    . DG  B 1 2  ? -7.043  -7.232  -10.735 1.00 5.46  ? 14 DG  B C6    1 
ATOM   278 O O6    . DG  B 1 2  ? -6.016  -7.841  -11.050 1.00 5.34  ? 14 DG  B O6    1 
ATOM   279 N N1    . DG  B 1 2  ? -7.825  -7.684  -9.675  1.00 2.48  ? 14 DG  B N1    1 
ATOM   280 C C2    . DG  B 1 2  ? -8.998  -7.114  -9.275  1.00 5.39  ? 14 DG  B C2    1 
ATOM   281 N N2    . DG  B 1 2  ? -9.614  -7.667  -8.231  1.00 8.29  ? 14 DG  B N2    1 
ATOM   282 N N3    . DG  B 1 2  ? -9.540  -6.074  -9.848  1.00 4.40  ? 14 DG  B N3    1 
ATOM   283 C C4    . DG  B 1 2  ? -8.791  -5.609  -10.870 1.00 5.23  ? 14 DG  B C4    1 
ATOM   284 P P     . DT  B 1 3  ? -12.328 -0.071  -10.701 1.00 15.22 ? 15 DT  B P     1 
ATOM   285 O OP1   . DT  B 1 3  ? -13.590 0.636   -11.024 1.00 16.72 ? 15 DT  B OP1   1 
ATOM   286 O OP2   . DT  B 1 3  ? -11.025 0.564   -11.026 1.00 14.38 ? 15 DT  B OP2   1 
ATOM   287 O "O5'" . DT  B 1 3  ? -12.385 -0.332  -9.138  1.00 14.82 ? 15 DT  B "O5'" 1 
ATOM   288 C "C5'" . DT  B 1 3  ? -13.270 -1.310  -8.592  1.00 10.03 ? 15 DT  B "C5'" 1 
ATOM   289 C "C4'" . DT  B 1 3  ? -12.479 -2.309  -7.782  1.00 8.55  ? 15 DT  B "C4'" 1 
ATOM   290 O "O4'" . DT  B 1 3  ? -11.334 -2.780  -8.529  1.00 9.09  ? 15 DT  B "O4'" 1 
ATOM   291 C "C3'" . DT  B 1 3  ? -11.844 -1.700  -6.556  1.00 8.41  ? 15 DT  B "C3'" 1 
ATOM   292 O "O3'" . DT  B 1 3  ? -12.772 -1.622  -5.494  1.00 13.64 ? 15 DT  B "O3'" 1 
ATOM   293 C "C2'" . DT  B 1 3  ? -10.716 -2.651  -6.232  1.00 5.41  ? 15 DT  B "C2'" 1 
ATOM   294 C "C1'" . DT  B 1 3  ? -10.388 -3.272  -7.577  1.00 4.61  ? 15 DT  B "C1'" 1 
ATOM   295 N N1    . DT  B 1 3  ? -9.032  -3.066  -8.117  1.00 3.33  ? 15 DT  B N1    1 
ATOM   296 C C2    . DT  B 1 3  ? -8.130  -4.059  -7.885  1.00 5.29  ? 15 DT  B C2    1 
ATOM   297 O O2    . DT  B 1 3  ? -8.361  -4.998  -7.177  1.00 7.06  ? 15 DT  B O2    1 
ATOM   298 N N3    . DT  B 1 3  ? -6.928  -3.909  -8.498  1.00 5.85  ? 15 DT  B N3    1 
ATOM   299 C C4    . DT  B 1 3  ? -6.516  -2.883  -9.274  1.00 6.54  ? 15 DT  B C4    1 
ATOM   300 O O4    . DT  B 1 3  ? -5.407  -2.936  -9.776  1.00 11.47 ? 15 DT  B O4    1 
ATOM   301 C C5    . DT  B 1 3  ? -7.481  -1.809  -9.436  1.00 6.87  ? 15 DT  B C5    1 
ATOM   302 C C7    . DT  B 1 3  ? -7.106  -0.596  -10.234 1.00 3.99  ? 15 DT  B C7    1 
ATOM   303 C C6    . DT  B 1 3  ? -8.686  -1.960  -8.849  1.00 5.19  ? 15 DT  B C6    1 
ATOM   304 P P     . DG  B 1 4  ? -12.422 -0.681  -4.260  1.00 14.92 ? 16 DG  B P     1 
ATOM   305 O OP1   . DG  B 1 4  ? -13.594 -0.263  -3.427  1.00 10.94 ? 16 DG  B OP1   1 
ATOM   306 O OP2   . DG  B 1 4  ? -11.536 0.392   -4.874  1.00 18.83 ? 16 DG  B OP2   1 
ATOM   307 O "O5'" . DG  B 1 4  ? -11.535 -1.657  -3.396  1.00 13.83 ? 16 DG  B "O5'" 1 
ATOM   308 C "C5'" . DG  B 1 4  ? -12.059 -2.874  -2.969  1.00 10.84 ? 16 DG  B "C5'" 1 
ATOM   309 C "C4'" . DG  B 1 4  ? -10.994 -3.664  -2.248  1.00 10.43 ? 16 DG  B "C4'" 1 
ATOM   310 O "O4'" . DG  B 1 4  ? -9.845  -3.869  -3.086  1.00 8.98  ? 16 DG  B "O4'" 1 
ATOM   311 C "C3'" . DG  B 1 4  ? -10.459 -3.026  -0.975  1.00 8.17  ? 16 DG  B "C3'" 1 
ATOM   312 O "O3'" . DG  B 1 4  ? -10.201 -4.123  -0.113  1.00 9.64  ? 16 DG  B "O3'" 1 
ATOM   313 C "C2'" . DG  B 1 4  ? -9.165  -2.393  -1.453  1.00 4.37  ? 16 DG  B "C2'" 1 
ATOM   314 C "C1'" . DG  B 1 4  ? -8.688  -3.419  -2.410  1.00 5.65  ? 16 DG  B "C1'" 1 
ATOM   315 N N9    . DG  B 1 4  ? -7.821  -2.903  -3.434  1.00 5.01  ? 16 DG  B N9    1 
ATOM   316 C C8    . DG  B 1 4  ? -7.948  -1.734  -4.130  1.00 2.26  ? 16 DG  B C8    1 
ATOM   317 N N7    . DG  B 1 4  ? -7.019  -1.580  -5.024  1.00 1.76  ? 16 DG  B N7    1 
ATOM   318 C C5    . DG  B 1 4  ? -6.239  -2.719  -4.893  1.00 3.39  ? 16 DG  B C5    1 
ATOM   319 C C6    . DG  B 1 4  ? -5.073  -3.124  -5.584  1.00 1.77  ? 16 DG  B C6    1 
ATOM   320 O O6    . DG  B 1 4  ? -4.510  -2.597  -6.511  1.00 1.18  ? 16 DG  B O6    1 
ATOM   321 N N1    . DG  B 1 4  ? -4.592  -4.311  -5.104  1.00 2.09  ? 16 DG  B N1    1 
ATOM   322 C C2    . DG  B 1 4  ? -5.167  -5.049  -4.094  1.00 2.68  ? 16 DG  B C2    1 
ATOM   323 N N2    . DG  B 1 4  ? -4.528  -6.166  -3.760  1.00 3.22  ? 16 DG  B N2    1 
ATOM   324 N N3    . DG  B 1 4  ? -6.264  -4.702  -3.460  1.00 2.96  ? 16 DG  B N3    1 
ATOM   325 C C4    . DG  B 1 4  ? -6.735  -3.530  -3.905  1.00 2.46  ? 16 DG  B C4    1 
ATOM   326 P P     . DA  B 1 5  ? -9.780  -3.878  1.406   1.00 10.58 ? 17 DA  B P     1 
ATOM   327 O OP1   . DA  B 1 5  ? -10.877 -4.392  2.265   1.00 12.18 ? 17 DA  B OP1   1 
ATOM   328 O OP2   . DA  B 1 5  ? -9.393  -2.461  1.484   1.00 13.93 ? 17 DA  B OP2   1 
ATOM   329 O "O5'" . DA  B 1 5  ? -8.472  -4.804  1.509   1.00 11.41 ? 17 DA  B "O5'" 1 
ATOM   330 C "C5'" . DA  B 1 5  ? -8.407  -5.994  0.715   1.00 12.33 ? 17 DA  B "C5'" 1 
ATOM   331 C "C4'" . DA  B 1 5  ? -7.024  -6.586  0.696   1.00 10.37 ? 17 DA  B "C4'" 1 
ATOM   332 O "O4'" . DA  B 1 5  ? -6.294  -6.037  -0.420  1.00 12.63 ? 17 DA  B "O4'" 1 
ATOM   333 C "C3'" . DA  B 1 5  ? -6.155  -6.404  1.935   1.00 11.90 ? 17 DA  B "C3'" 1 
ATOM   334 O "O3'" . DA  B 1 5  ? -5.418  -7.580  2.163   1.00 10.69 ? 17 DA  B "O3'" 1 
ATOM   335 C "C2'" . DA  B 1 5  ? -5.143  -5.368  1.516   1.00 13.75 ? 17 DA  B "C2'" 1 
ATOM   336 C "C1'" . DA  B 1 5  ? -5.057  -5.538  -0.001  1.00 12.26 ? 17 DA  B "C1'" 1 
ATOM   337 N N9    . DA  B 1 5  ? -4.938  -4.238  -0.602  1.00 6.98  ? 17 DA  B N9    1 
ATOM   338 C C8    . DA  B 1 5  ? -5.843  -3.239  -0.434  1.00 7.35  ? 17 DA  B C8    1 
ATOM   339 N N7    . DA  B 1 5  ? -5.544  -2.151  -1.079  1.00 8.47  ? 17 DA  B N7    1 
ATOM   340 C C5    . DA  B 1 5  ? -4.367  -2.467  -1.728  1.00 5.24  ? 17 DA  B C5    1 
ATOM   341 C C6    . DA  B 1 5  ? -3.636  -1.782  -2.661  1.00 7.80  ? 17 DA  B C6    1 
ATOM   342 N N6    . DA  B 1 5  ? -4.000  -0.569  -3.101  1.00 10.10 ? 17 DA  B N6    1 
ATOM   343 N N1    . DA  B 1 5  ? -2.525  -2.381  -3.158  1.00 3.97  ? 17 DA  B N1    1 
ATOM   344 C C2    . DA  B 1 5  ? -2.234  -3.632  -2.725  1.00 4.10  ? 17 DA  B C2    1 
ATOM   345 N N3    . DA  B 1 5  ? -2.886  -4.390  -1.875  1.00 2.00  ? 17 DA  B N3    1 
ATOM   346 C C4    . DA  B 1 5  ? -3.960  -3.743  -1.414  1.00 4.34  ? 17 DA  B C4    1 
ATOM   347 P P     . DA  B 1 6  ? -4.313  -7.606  3.302   1.00 16.81 ? 18 DA  B P     1 
ATOM   348 O OP1   . DA  B 1 6  ? -4.231  -9.012  3.812   1.00 11.17 ? 18 DA  B OP1   1 
ATOM   349 O OP2   . DA  B 1 6  ? -4.684  -6.495  4.245   1.00 17.12 ? 18 DA  B OP2   1 
ATOM   350 O "O5'" . DA  B 1 6  ? -2.984  -7.126  2.556   1.00 10.96 ? 18 DA  B "O5'" 1 
ATOM   351 C "C5'" . DA  B 1 6  ? -2.193  -8.016  1.781   1.00 7.80  ? 18 DA  B "C5'" 1 
ATOM   352 C "C4'" . DA  B 1 6  ? -0.896  -7.342  1.378   1.00 8.77  ? 18 DA  B "C4'" 1 
ATOM   353 O "O4'" . DA  B 1 6  ? -1.125  -6.078  0.672   1.00 3.68  ? 18 DA  B "O4'" 1 
ATOM   354 C "C3'" . DA  B 1 6  ? 0.079   -7.022  2.536   1.00 7.31  ? 18 DA  B "C3'" 1 
ATOM   355 O "O3'" . DA  B 1 6  ? 1.406   -7.348  2.028   1.00 10.17 ? 18 DA  B "O3'" 1 
ATOM   356 C "C2'" . DA  B 1 6  ? -0.128  -5.530  2.733   1.00 3.38  ? 18 DA  B "C2'" 1 
ATOM   357 C "C1'" . DA  B 1 6  ? -0.310  -5.084  1.268   1.00 3.81  ? 18 DA  B "C1'" 1 
ATOM   358 N N9    . DA  B 1 6  ? -0.946  -3.793  1.029   1.00 2.80  ? 18 DA  B N9    1 
ATOM   359 C C8    . DA  B 1 6  ? -2.063  -3.319  1.618   1.00 2.27  ? 18 DA  B C8    1 
ATOM   360 N N7    . DA  B 1 6  ? -2.429  -2.119  1.182   1.00 3.09  ? 18 DA  B N7    1 
ATOM   361 C C5    . DA  B 1 6  ? -1.461  -1.793  0.238   1.00 3.19  ? 18 DA  B C5    1 
ATOM   362 C C6    . DA  B 1 6  ? -1.288  -0.665  -0.637  1.00 5.22  ? 18 DA  B C6    1 
ATOM   363 N N6    . DA  B 1 6  ? -2.095  0.384   -0.678  1.00 6.54  ? 18 DA  B N6    1 
ATOM   364 N N1    . DA  B 1 6  ? -0.241  -0.685  -1.478  1.00 4.06  ? 18 DA  B N1    1 
ATOM   365 C C2    . DA  B 1 6  ? 0.548   -1.752  -1.473  1.00 2.92  ? 18 DA  B C2    1 
ATOM   366 N N3    . DA  B 1 6  ? 0.489   -2.849  -0.727  1.00 3.00  ? 18 DA  B N3    1 
ATOM   367 C C4    . DA  B 1 6  ? -0.541  -2.811  0.131   1.00 2.16  ? 18 DA  B C4    1 
ATOM   368 P P     . DT  B 1 7  ? 2.676   -7.515  3.018   1.00 11.92 ? 19 DT  B P     1 
ATOM   369 O OP1   . DT  B 1 7  ? 3.259   -8.888  2.908   1.00 14.84 ? 19 DT  B OP1   1 
ATOM   370 O OP2   . DT  B 1 7  ? 2.345   -6.970  4.346   1.00 11.00 ? 19 DT  B OP2   1 
ATOM   371 O "O5'" . DT  B 1 7  ? 3.752   -6.596  2.292   1.00 13.11 ? 19 DT  B "O5'" 1 
ATOM   372 C "C5'" . DT  B 1 7  ? 3.828   -6.576  0.876   1.00 5.90  ? 19 DT  B "C5'" 1 
ATOM   373 C "C4'" . DT  B 1 7  ? 4.151   -5.176  0.430   1.00 8.62  ? 19 DT  B "C4'" 1 
ATOM   374 O "O4'" . DT  B 1 7  ? 3.198   -4.216  0.890   1.00 11.41 ? 19 DT  B "O4'" 1 
ATOM   375 C "C3'" . DT  B 1 7  ? 5.445   -4.680  1.045   1.00 9.58  ? 19 DT  B "C3'" 1 
ATOM   376 O "O3'" . DT  B 1 7  ? 6.451   -4.931  0.102   1.00 14.00 ? 19 DT  B "O3'" 1 
ATOM   377 C "C2'" . DT  B 1 7  ? 5.248   -3.180  1.231   1.00 6.18  ? 19 DT  B "C2'" 1 
ATOM   378 C "C1'" . DT  B 1 7  ? 3.862   -2.976  0.696   1.00 5.19  ? 19 DT  B "C1'" 1 
ATOM   379 N N1    . DT  B 1 7  ? 3.016   -1.930  1.247   1.00 3.59  ? 19 DT  B N1    1 
ATOM   380 C C2    . DT  B 1 7  ? 2.870   -0.777  0.522   1.00 3.34  ? 19 DT  B C2    1 
ATOM   381 O O2    . DT  B 1 7  ? 3.489   -0.540  -0.491  1.00 2.42  ? 19 DT  B O2    1 
ATOM   382 N N3    . DT  B 1 7  ? 1.951   0.096   1.023   1.00 3.79  ? 19 DT  B N3    1 
ATOM   383 C C4    . DT  B 1 7  ? 1.182   -0.063  2.145   1.00 2.93  ? 19 DT  B C4    1 
ATOM   384 O O4    . DT  B 1 7  ? 0.338   0.778   2.425   1.00 7.76  ? 19 DT  B O4    1 
ATOM   385 C C5    . DT  B 1 7  ? 1.438   -1.265  2.901   1.00 2.00  ? 19 DT  B C5    1 
ATOM   386 C C7    . DT  B 1 7  ? 0.684   -1.491  4.175   1.00 3.90  ? 19 DT  B C7    1 
ATOM   387 C C6    . DT  B 1 7  ? 2.337   -2.123  2.429   1.00 2.98  ? 19 DT  B C6    1 
ATOM   388 P P     . DT  B 1 8  ? 7.934   -4.489  0.425   1.00 13.72 ? 20 DT  B P     1 
ATOM   389 O OP1   . DT  B 1 8  ? 8.739   -5.264  -0.570  1.00 8.76  ? 20 DT  B OP1   1 
ATOM   390 O OP2   . DT  B 1 8  ? 8.187   -4.627  1.911   1.00 12.78 ? 20 DT  B OP2   1 
ATOM   391 O "O5'" . DT  B 1 8  ? 7.857   -2.943  0.079   1.00 14.53 ? 20 DT  B "O5'" 1 
ATOM   392 C "C5'" . DT  B 1 8  ? 8.091   -2.502  -1.251  1.00 12.17 ? 20 DT  B "C5'" 1 
ATOM   393 C "C4'" . DT  B 1 8  ? 8.121   -1.002  -1.276  1.00 11.63 ? 20 DT  B "C4'" 1 
ATOM   394 O "O4'" . DT  B 1 8  ? 6.983   -0.551  -0.519  1.00 8.60  ? 20 DT  B "O4'" 1 
ATOM   395 C "C3'" . DT  B 1 8  ? 9.354   -0.356  -0.621  1.00 12.80 ? 20 DT  B "C3'" 1 
ATOM   396 O "O3'" . DT  B 1 8  ? 9.802   0.709   -1.502  1.00 14.77 ? 20 DT  B "O3'" 1 
ATOM   397 C "C2'" . DT  B 1 8  ? 8.813   0.202   0.691   1.00 9.94  ? 20 DT  B "C2'" 1 
ATOM   398 C "C1'" . DT  B 1 8  ? 7.398   0.545   0.267   1.00 11.01 ? 20 DT  B "C1'" 1 
ATOM   399 N N1    . DT  B 1 8  ? 6.403   0.711   1.319   1.00 6.58  ? 20 DT  B N1    1 
ATOM   400 C C2    . DT  B 1 8  ? 5.572   1.822   1.272   1.00 6.06  ? 20 DT  B C2    1 
ATOM   401 O O2    . DT  B 1 8  ? 5.633   2.685   0.375   1.00 6.53  ? 20 DT  B O2    1 
ATOM   402 N N3    . DT  B 1 8  ? 4.662   1.887   2.304   1.00 2.00  ? 20 DT  B N3    1 
ATOM   403 C C4    . DT  B 1 8  ? 4.517   0.971   3.346   1.00 2.13  ? 20 DT  B C4    1 
ATOM   404 O O4    . DT  B 1 8  ? 3.661   1.165   4.195   1.00 3.95  ? 20 DT  B O4    1 
ATOM   405 C C5    . DT  B 1 8  ? 5.424   -0.166  3.313   1.00 2.89  ? 20 DT  B C5    1 
ATOM   406 C C7    . DT  B 1 8  ? 5.373   -1.208  4.387   1.00 2.00  ? 20 DT  B C7    1 
ATOM   407 C C6    . DT  B 1 8  ? 6.303   -0.230  2.307   1.00 5.95  ? 20 DT  B C6    1 
ATOM   408 P P     . DC  B 1 9  ? 11.300  1.272   -1.393  1.00 12.44 ? 21 DC  B P     1 
ATOM   409 O OP1   . DC  B 1 9  ? 11.873  1.429   -2.740  1.00 15.82 ? 21 DC  B OP1   1 
ATOM   410 O OP2   . DC  B 1 9  ? 12.012  0.470   -0.378  1.00 13.47 ? 21 DC  B OP2   1 
ATOM   411 O "O5'" . DC  B 1 9  ? 11.080  2.736   -0.831  1.00 15.37 ? 21 DC  B "O5'" 1 
ATOM   412 C "C5'" . DC  B 1 9  ? 10.109  3.567   -1.432  1.00 14.54 ? 21 DC  B "C5'" 1 
ATOM   413 C "C4'" . DC  B 1 9  ? 9.916   4.810   -0.614  1.00 13.50 ? 21 DC  B "C4'" 1 
ATOM   414 O "O4'" . DC  B 1 9  ? 8.933   4.531   0.385   1.00 14.81 ? 21 DC  B "O4'" 1 
ATOM   415 C "C3'" . DC  B 1 9  ? 11.165  5.330   0.118   1.00 14.81 ? 21 DC  B "C3'" 1 
ATOM   416 O "O3'" . DC  B 1 9  ? 11.133  6.751   -0.068  1.00 18.06 ? 21 DC  B "O3'" 1 
ATOM   417 C "C2'" . DC  B 1 9  ? 10.901  4.934   1.563   1.00 14.13 ? 21 DC  B "C2'" 1 
ATOM   418 C "C1'" . DC  B 1 9  ? 9.386   5.038   1.622   1.00 12.82 ? 21 DC  B "C1'" 1 
ATOM   419 N N1    . DC  B 1 9  ? 8.663   4.304   2.680   1.00 12.34 ? 21 DC  B N1    1 
ATOM   420 C C2    . DC  B 1 9  ? 7.441   4.820   3.092   1.00 10.21 ? 21 DC  B C2    1 
ATOM   421 O O2    . DC  B 1 9  ? 7.059   5.846   2.604   1.00 12.38 ? 21 DC  B O2    1 
ATOM   422 N N3    . DC  B 1 9  ? 6.713   4.196   4.014   1.00 9.71  ? 21 DC  B N3    1 
ATOM   423 C C4    . DC  B 1 9  ? 7.170   3.079   4.565   1.00 10.91 ? 21 DC  B C4    1 
ATOM   424 N N4    . DC  B 1 9  ? 6.378   2.482   5.508   1.00 9.31  ? 21 DC  B N4    1 
ATOM   425 C C5    . DC  B 1 9  ? 8.438   2.519   4.188   1.00 7.20  ? 21 DC  B C5    1 
ATOM   426 C C6    . DC  B 1 9  ? 9.145   3.162   3.239   1.00 8.35  ? 21 DC  B C6    1 
HETATM 427 P P     . 6OG B 1 10 ? 12.437  7.672   0.156   1.00 17.50 ? 22 6OG B P     1 
HETATM 428 O OP1   . 6OG B 1 10 ? 12.399  8.596   -1.018  1.00 11.11 ? 22 6OG B OP1   1 
HETATM 429 O OP2   . 6OG B 1 10 ? 13.667  6.833   0.408   1.00 16.78 ? 22 6OG B OP2   1 
HETATM 430 O "O5'" . 6OG B 1 10 ? 11.971  8.490   1.436   1.00 15.73 ? 22 6OG B "O5'" 1 
HETATM 431 N N9    . 6OG B 1 10 ? 9.576   7.141   5.414   1.00 9.11  ? 22 6OG B N9    1 
HETATM 432 C C4    . 6OG B 1 10 ? 8.451   6.840   6.122   1.00 3.08  ? 22 6OG B C4    1 
HETATM 433 N N3    . 6OG B 1 10 ? 7.461   7.689   6.397   1.00 2.93  ? 22 6OG B N3    1 
HETATM 434 C C2    . 6OG B 1 10 ? 6.513   7.124   7.144   1.00 2.00  ? 22 6OG B C2    1 
HETATM 435 N N2    . 6OG B 1 10 ? 5.467   7.832   7.563   1.00 2.00  ? 22 6OG B N2    1 
HETATM 436 N N1    . 6OG B 1 10 ? 6.532   5.835   7.544   1.00 3.38  ? 22 6OG B N1    1 
HETATM 437 C C6    . 6OG B 1 10 ? 7.555   4.936   7.285   1.00 2.37  ? 22 6OG B C6    1 
HETATM 438 O O6    . 6OG B 1 10 ? 7.476   3.806   7.734   1.00 6.55  ? 22 6OG B O6    1 
HETATM 439 C C5    . 6OG B 1 10 ? 8.591   5.520   6.510   1.00 3.91  ? 22 6OG B C5    1 
HETATM 440 N N7    . 6OG B 1 10 ? 9.809   4.995   6.064   1.00 4.86  ? 22 6OG B N7    1 
HETATM 441 C C8    . 6OG B 1 10 ? 10.364  5.996   5.415   1.00 6.88  ? 22 6OG B C8    1 
HETATM 442 C "C2'" . 6OG B 1 10 ? 11.205  9.033   4.891   1.00 17.28 ? 22 6OG B "C2'" 1 
HETATM 443 C "C5'" . 6OG B 1 10 ? 10.718  9.172   1.385   1.00 15.05 ? 22 6OG B "C5'" 1 
HETATM 444 C "C4'" . 6OG B 1 10 ? 10.179  9.449   2.765   1.00 15.59 ? 22 6OG B "C4'" 1 
HETATM 445 O "O4'" . 6OG B 1 10 ? 9.642   8.278   3.416   1.00 17.84 ? 22 6OG B "O4'" 1 
HETATM 446 C "C1'" . 6OG B 1 10 ? 9.825   8.433   4.793   1.00 13.33 ? 22 6OG B "C1'" 1 
HETATM 447 C "C3'" . 6OG B 1 10 ? 11.148  10.074  3.760   1.00 19.59 ? 22 6OG B "C3'" 1 
HETATM 448 O "O3'" . 6OG B 1 10 ? 10.523  11.321  4.167   1.00 22.75 ? 22 6OG B "O3'" 1 
HETATM 449 C C     . 6OG B 1 10 ? 8.707   3.059   7.860   1.00 9.73  ? 22 6OG B C     1 
ATOM   450 P P     . DC  B 1 11 ? 11.412  12.608  4.604   1.00 19.68 ? 23 DC  B P     1 
ATOM   451 O OP1   . DC  B 1 11 ? 11.233  13.738  3.636   1.00 19.96 ? 23 DC  B OP1   1 
ATOM   452 O OP2   . DC  B 1 11 ? 12.789  12.157  4.970   1.00 15.08 ? 23 DC  B OP2   1 
ATOM   453 O "O5'" . DC  B 1 11 ? 10.621  13.068  5.884   1.00 10.68 ? 23 DC  B "O5'" 1 
ATOM   454 C "C5'" . DC  B 1 11 ? 9.243   13.292  5.799   1.00 10.77 ? 23 DC  B "C5'" 1 
ATOM   455 C "C4'" . DC  B 1 11 ? 8.631   12.975  7.129   1.00 7.62  ? 23 DC  B "C4'" 1 
ATOM   456 O "O4'" . DC  B 1 11 ? 8.699   11.536  7.299   1.00 7.32  ? 23 DC  B "O4'" 1 
ATOM   457 C "C3'" . DC  B 1 11 ? 9.476   13.559  8.268   1.00 9.01  ? 23 DC  B "C3'" 1 
ATOM   458 O "O3'" . DC  B 1 11 ? 8.623   14.235  9.207   1.00 11.50 ? 23 DC  B "O3'" 1 
ATOM   459 C "C2'" . DC  B 1 11 ? 10.104  12.324  8.911   1.00 6.10  ? 23 DC  B "C2'" 1 
ATOM   460 C "C1'" . DC  B 1 11 ? 9.028   11.308  8.637   1.00 4.89  ? 23 DC  B "C1'" 1 
ATOM   461 N N1    . DC  B 1 11 ? 9.394   9.895   8.805   1.00 3.09  ? 23 DC  B N1    1 
ATOM   462 C C2    . DC  B 1 11 ? 8.508   9.061   9.451   1.00 2.58  ? 23 DC  B C2    1 
ATOM   463 O O2    . DC  B 1 11 ? 7.406   9.510   9.791   1.00 2.00  ? 23 DC  B O2    1 
ATOM   464 N N3    . DC  B 1 11 ? 8.852   7.773   9.676   1.00 4.44  ? 23 DC  B N3    1 
ATOM   465 C C4    . DC  B 1 11 ? 10.016  7.315   9.239   1.00 2.00  ? 23 DC  B C4    1 
ATOM   466 N N4    . DC  B 1 11 ? 10.308  6.021   9.459   1.00 2.00  ? 23 DC  B N4    1 
ATOM   467 C C5    . DC  B 1 11 ? 10.933  8.145   8.551   1.00 2.05  ? 23 DC  B C5    1 
ATOM   468 C C6    . DC  B 1 11 ? 10.590  9.415   8.354   1.00 2.70  ? 23 DC  B C6    1 
ATOM   469 P P     . DG  B 1 12 ? 9.156   15.507  10.020  1.00 5.61  ? 24 DG  B P     1 
ATOM   470 O OP1   . DG  B 1 12 ? 8.467   16.621  9.347   1.00 5.38  ? 24 DG  B OP1   1 
ATOM   471 O OP2   . DG  B 1 12 ? 10.644  15.459  10.076  1.00 2.29  ? 24 DG  B OP2   1 
ATOM   472 O "O5'" . DG  B 1 12 ? 8.503   15.337  11.460  1.00 5.48  ? 24 DG  B "O5'" 1 
ATOM   473 C "C5'" . DG  B 1 12 ? 7.193   15.810  11.693  1.00 4.83  ? 24 DG  B "C5'" 1 
ATOM   474 C "C4'" . DG  B 1 12 ? 6.501   14.959  12.728  1.00 9.13  ? 24 DG  B "C4'" 1 
ATOM   475 O "O4'" . DG  B 1 12 ? 6.385   13.594  12.290  1.00 5.48  ? 24 DG  B "O4'" 1 
ATOM   476 C "C3'" . DG  B 1 12 ? 7.204   14.886  14.074  1.00 10.86 ? 24 DG  B "C3'" 1 
ATOM   477 O "O3'" . DG  B 1 12 ? 6.744   16.052  14.792  1.00 10.85 ? 24 DG  B "O3'" 1 
ATOM   478 C "C2'" . DG  B 1 12 ? 6.673   13.585  14.652  1.00 6.45  ? 24 DG  B "C2'" 1 
ATOM   479 C "C1'" . DG  B 1 12 ? 6.404   12.726  13.423  1.00 6.92  ? 24 DG  B "C1'" 1 
ATOM   480 N N9    . DG  B 1 12 ? 7.420   11.724  13.150  1.00 3.67  ? 24 DG  B N9    1 
ATOM   481 C C8    . DG  B 1 12 ? 8.465   11.902  12.299  1.00 3.15  ? 24 DG  B C8    1 
ATOM   482 N N7    . DG  B 1 12 ? 9.217   10.853  12.196  1.00 2.04  ? 24 DG  B N7    1 
ATOM   483 C C5    . DG  B 1 12 ? 8.632   9.918   13.030  1.00 1.70  ? 24 DG  B C5    1 
ATOM   484 C C6    . DG  B 1 12 ? 8.983   8.596   13.262  1.00 2.43  ? 24 DG  B C6    1 
ATOM   485 O O6    . DG  B 1 12 ? 9.918   7.956   12.762  1.00 2.25  ? 24 DG  B O6    1 
ATOM   486 N N1    . DG  B 1 12 ? 8.114   7.981   14.165  1.00 1.77  ? 24 DG  B N1    1 
ATOM   487 C C2    . DG  B 1 12 ? 7.038   8.573   14.741  1.00 1.97  ? 24 DG  B C2    1 
ATOM   488 N N2    . DG  B 1 12 ? 6.322   7.797   15.566  1.00 1.22  ? 24 DG  B N2    1 
ATOM   489 N N3    . DG  B 1 12 ? 6.689   9.834   14.518  1.00 2.42  ? 24 DG  B N3    1 
ATOM   490 C C4    . DG  B 1 12 ? 7.529   10.438  13.649  1.00 2.30  ? 24 DG  B C4    1 
HETATM 491 O O     . HOH C 2 .  ? 7.762   1.040   12.136  1.00 15.09 ? 25 HOH A O     1 
HETATM 492 O O     . HOH C 2 .  ? -1.557  -6.820  -2.102  1.00 2.81  ? 28 HOH A O     1 
HETATM 493 O O     . HOH C 2 .  ? -3.073  -11.391 -10.698 1.00 19.64 ? 30 HOH A O     1 
HETATM 494 O O     . HOH C 2 .  ? 9.548   0.076   -9.082  1.00 20.26 ? 33 HOH A O     1 
HETATM 495 O O     . HOH C 2 .  ? -2.887  5.375   -0.229  1.00 7.69  ? 34 HOH A O     1 
HETATM 496 O O     . HOH C 2 .  ? 11.040  2.351   17.845  1.00 27.98 ? 36 HOH A O     1 
HETATM 497 O O     . HOH C 2 .  ? -0.210  3.129   7.734   1.00 20.93 ? 38 HOH A O     1 
HETATM 498 O O     . HOH C 2 .  ? 2.168   1.855   6.577   1.00 19.87 ? 40 HOH A O     1 
HETATM 499 O O     . HOH C 2 .  ? -2.693  -1.079  -9.832  1.00 17.48 ? 42 HOH A O     1 
HETATM 500 O O     . HOH C 2 .  ? -3.259  0.757   14.268  1.00 9.11  ? 46 HOH A O     1 
HETATM 501 O O     . HOH C 2 .  ? 4.397   -4.540  -3.194  1.00 19.87 ? 47 HOH A O     1 
HETATM 502 O O     . HOH C 2 .  ? 8.915   -3.139  -9.709  1.00 17.63 ? 50 HOH A O     1 
HETATM 503 O O     . HOH C 2 .  ? -5.894  -16.031 -1.433  1.00 21.01 ? 53 HOH A O     1 
HETATM 504 O O     . HOH C 2 .  ? -9.055  -14.870 -11.627 1.00 22.87 ? 54 HOH A O     1 
HETATM 505 O O     . HOH C 2 .  ? -3.748  8.353   0.776   1.00 20.46 ? 58 HOH A O     1 
HETATM 506 O O     . HOH C 2 .  ? 0.751   -0.287  13.904  1.00 9.05  ? 61 HOH A O     1 
HETATM 507 O O     . HOH C 2 .  ? -3.716  -16.162 -6.580  1.00 14.27 ? 62 HOH A O     1 
HETATM 508 O O     . HOH C 2 .  ? 1.822   13.486  -5.895  1.00 21.06 ? 64 HOH A O     1 
HETATM 509 O O     . HOH C 2 .  ? 6.901   -1.785  -11.448 1.00 30.92 ? 65 HOH A O     1 
HETATM 510 O O     . HOH C 2 .  ? -8.634  -16.406 -7.648  1.00 13.27 ? 67 HOH A O     1 
HETATM 511 O O     . HOH C 2 .  ? -1.579  4.090   16.983  1.00 21.56 ? 71 HOH A O     1 
HETATM 512 O O     . HOH C 2 .  ? -8.694  -16.757 -4.730  1.00 16.93 ? 72 HOH A O     1 
HETATM 513 O O     . HOH C 2 .  ? -2.303  5.006   8.303   1.00 11.17 ? 73 HOH A O     1 
HETATM 514 O O     . HOH C 2 .  ? -1.292  3.673   4.011   1.00 16.10 ? 74 HOH A O     1 
HETATM 515 O O     . HOH C 2 .  ? 9.147   -5.782  -6.657  1.00 25.09 ? 75 HOH A O     1 
HETATM 516 O O     . HOH C 2 .  ? 7.160   -9.771  -9.719  1.00 18.59 ? 76 HOH A O     1 
HETATM 517 O O     . HOH C 2 .  ? -5.870  7.504   11.095  1.00 16.67 ? 77 HOH A O     1 
HETATM 518 O O     . HOH C 2 .  ? -5.947  11.277  10.456  1.00 19.07 ? 78 HOH A O     1 
HETATM 519 O O     . HOH C 2 .  ? 4.187   0.039   20.304  1.00 16.13 ? 80 HOH A O     1 
HETATM 520 O O     . HOH C 2 .  ? 2.753   -2.132  21.693  1.00 20.00 ? 81 HOH A O     1 
HETATM 521 O O     . HOH C 2 .  ? 9.571   2.264   10.199  1.00 26.29 ? 83 HOH A O     1 
HETATM 522 O O     . HOH C 2 .  ? 4.830   9.894   3.710   1.00 30.34 ? 84 HOH A O     1 
HETATM 523 O O     . HOH C 2 .  ? -3.891  3.763   10.030  1.00 18.61 ? 86 HOH A O     1 
HETATM 524 O O     . HOH C 2 .  ? -0.980  -7.198  -12.324 1.00 26.89 ? 88 HOH A O     1 
HETATM 525 O O     . HOH C 2 .  ? 4.677   -1.669  -3.702  1.00 24.63 ? 90 HOH A O     1 
HETATM 526 O O     . HOH C 2 .  ? 5.190   10.121  -9.722  1.00 25.71 ? 91 HOH A O     1 
HETATM 527 O O     . HOH C 2 .  ? 6.283   -9.238  -7.239  1.00 25.40 ? 93 HOH A O     1 
HETATM 528 O O     . HOH D 2 .  ? 6.723   5.246   -1.583  1.00 9.59  ? 26 HOH B O     1 
HETATM 529 O O     . HOH D 2 .  ? 1.859   -4.821  -1.540  1.00 2.52  ? 27 HOH B O     1 
HETATM 530 O O     . HOH D 2 .  ? -4.970  -9.153  -3.611  1.00 7.15  ? 29 HOH B O     1 
HETATM 531 O O     . HOH D 2 .  ? 12.446  8.544   12.082  1.00 18.69 ? 31 HOH B O     1 
HETATM 532 O O     . HOH D 2 .  ? 12.213  11.371  11.620  1.00 14.43 ? 32 HOH B O     1 
HETATM 533 O O     . HOH D 2 .  ? -6.915  -5.967  5.706   1.00 10.93 ? 35 HOH B O     1 
HETATM 534 O O     . HOH D 2 .  ? -9.861  -5.838  4.407   1.00 16.40 ? 37 HOH B O     1 
HETATM 535 O O     . HOH D 2 .  ? 14.115  3.809   -3.790  1.00 22.14 ? 39 HOH B O     1 
HETATM 536 O O     . HOH D 2 .  ? -8.284  1.241   -8.743  1.00 14.15 ? 41 HOH B O     1 
HETATM 537 O O     . HOH D 2 .  ? 12.431  16.652  9.438   1.00 11.75 ? 43 HOH B O     1 
HETATM 538 O O     . HOH D 2 .  ? -1.039  0.363   4.857   1.00 17.66 ? 44 HOH B O     1 
HETATM 539 O O     . HOH D 2 .  ? -9.027  0.841   -13.081 1.00 11.21 ? 45 HOH B O     1 
HETATM 540 O O     . HOH D 2 .  ? -3.238  -9.652  -1.590  1.00 7.45  ? 48 HOH B O     1 
HETATM 541 O O     . HOH D 2 .  ? 3.247   -10.510 0.493   1.00 20.22 ? 49 HOH B O     1 
HETATM 542 O O     . HOH D 2 .  ? -9.557  -0.659  -15.387 1.00 12.11 ? 51 HOH B O     1 
HETATM 543 O O     . HOH D 2 .  ? -10.393 2.510   -9.451  1.00 21.80 ? 52 HOH B O     1 
HETATM 544 O O     . HOH D 2 .  ? -16.098 0.584   -4.052  1.00 12.56 ? 55 HOH B O     1 
HETATM 545 O O     . HOH D 2 .  ? 9.807   9.577   -2.814  1.00 19.88 ? 56 HOH B O     1 
HETATM 546 O O     . HOH D 2 .  ? 3.090   -10.995 5.252   1.00 16.10 ? 57 HOH B O     1 
HETATM 547 O O     . HOH D 2 .  ? -15.724 -2.682  -2.929  1.00 19.88 ? 59 HOH B O     1 
HETATM 548 O O     . HOH D 2 .  ? -11.653 -1.852  3.244   1.00 25.08 ? 60 HOH B O     1 
HETATM 549 O O     . HOH D 2 .  ? 6.873   17.133  6.825   1.00 21.12 ? 63 HOH B O     1 
HETATM 550 O O     . HOH D 2 .  ? -13.357 3.216   -10.964 1.00 8.56  ? 66 HOH B O     1 
HETATM 551 O O     . HOH D 2 .  ? -13.875 -0.851  -18.840 1.00 13.99 ? 68 HOH B O     1 
HETATM 552 O O     . HOH D 2 .  ? -7.503  -0.303  -16.712 1.00 7.59  ? 69 HOH B O     1 
HETATM 553 O O     . HOH D 2 .  ? -7.142  -0.877  -14.117 1.00 15.05 ? 70 HOH B O     1 
HETATM 554 O O     . HOH D 2 .  ? -4.673  -2.468  -12.788 1.00 23.27 ? 79 HOH B O     1 
HETATM 555 O O     . HOH D 2 .  ? 9.727   17.171  7.130   1.00 9.15  ? 82 HOH B O     1 
HETATM 556 O O     . HOH D 2 .  ? 11.062  2.348   6.809   1.00 21.47 ? 85 HOH B O     1 
HETATM 557 O O     . HOH D 2 .  ? 9.179   -8.292  -0.445  1.00 21.80 ? 87 HOH B O     1 
HETATM 558 O O     . HOH D 2 .  ? -7.398  -2.793  -16.383 1.00 32.80 ? 89 HOH B O     1 
HETATM 559 O O     . HOH D 2 .  ? -8.549  -2.237  -19.281 1.00 30.16 ? 92 HOH B O     1 
HETATM 560 O O     . HOH D 2 .  ? 8.048   19.292  8.829   1.00 28.81 ? 94 HOH B O     1 
HETATM 561 O O     . HOH D 2 .  ? 3.629   -12.062 2.975   1.00 28.07 ? 95 HOH B O     1 
HETATM 562 O O     . HOH D 2 .  ? 0.821   -13.549 2.702   1.00 25.87 ? 96 HOH B O     1 
HETATM 563 O O     . HOH D 2 .  ? -15.769 3.649   -10.378 1.00 22.51 ? 97 HOH B O     1 
HETATM 564 O O     . HOH D 2 .  ? -15.625 -0.717  -6.350  1.00 25.84 ? 98 HOH B O     1 
# 
